data_2I9O
#
_entry.id   2I9O
#
_cell.length_a   1.000
_cell.length_b   1.000
_cell.length_c   1.000
_cell.angle_alpha   90.00
_cell.angle_beta   90.00
_cell.angle_gamma   90.00
#
_symmetry.space_group_name_H-M   'P 1'
#
_entity_poly.entity_id   1
_entity_poly.type   'polypeptide(L)'
_entity_poly.pdbx_seq_one_letter_code
;RGKWTYNGITYEGGGGGGGGSAAEAYAKRIAEAMAKG
;
_entity_poly.pdbx_strand_id   A
#
# COMPACT_ATOMS: atom_id res chain seq x y z
N ARG A 1 1.61 -6.24 -1.66
CA ARG A 1 2.47 -6.76 -0.61
C ARG A 1 1.65 -7.59 0.39
N GLY A 2 0.65 -6.94 0.95
CA GLY A 2 -0.21 -7.59 1.93
C GLY A 2 -0.38 -6.74 3.18
N LYS A 3 -1.29 -7.16 4.04
CA LYS A 3 -1.55 -6.44 5.28
C LYS A 3 -0.22 -6.03 5.91
N TRP A 4 -0.26 -4.92 6.63
CA TRP A 4 0.93 -4.41 7.28
C TRP A 4 0.52 -3.87 8.66
N THR A 5 1.09 -4.48 9.69
CA THR A 5 0.79 -4.07 11.06
C THR A 5 1.38 -2.69 11.34
N TYR A 6 0.73 -1.98 12.25
CA TYR A 6 1.17 -0.65 12.63
C TYR A 6 1.48 -0.58 14.12
N ASN A 7 0.45 -0.79 14.92
CA ASN A 7 0.60 -0.75 16.36
C ASN A 7 -0.12 -1.95 16.99
N GLY A 8 0.30 -3.14 16.57
CA GLY A 8 -0.30 -4.35 17.07
C GLY A 8 -1.45 -4.81 16.18
N ILE A 9 -2.47 -3.97 16.09
CA ILE A 9 -3.63 -4.27 15.27
C ILE A 9 -3.19 -4.48 13.82
N THR A 10 -3.82 -5.44 13.18
CA THR A 10 -3.51 -5.75 11.80
C THR A 10 -4.57 -5.16 10.86
N TYR A 11 -4.22 -5.06 9.59
CA TYR A 11 -5.11 -4.51 8.59
C TYR A 11 -5.56 -5.61 7.61
N GLU A 12 -6.64 -5.30 6.91
CA GLU A 12 -7.18 -6.23 5.93
C GLU A 12 -8.12 -5.51 4.96
N GLY A 13 -7.70 -5.47 3.70
CA GLY A 13 -8.48 -4.80 2.68
C GLY A 13 -7.58 -4.12 1.65
N GLY A 14 -6.89 -3.09 2.11
CA GLY A 14 -6.00 -2.34 1.24
C GLY A 14 -5.21 -3.28 0.33
N GLY A 15 -5.48 -3.15 -0.96
CA GLY A 15 -4.80 -3.98 -1.95
C GLY A 15 -5.75 -5.05 -2.49
N GLY A 16 -6.62 -4.63 -3.39
CA GLY A 16 -7.58 -5.55 -3.99
C GLY A 16 -6.87 -6.67 -4.76
N GLY A 17 -6.26 -6.29 -5.87
CA GLY A 17 -5.54 -7.24 -6.69
C GLY A 17 -6.51 -8.10 -7.52
N GLY A 18 -6.66 -7.69 -8.78
CA GLY A 18 -7.55 -8.40 -9.69
C GLY A 18 -6.85 -8.69 -11.02
N GLY A 19 -6.52 -7.63 -11.73
CA GLY A 19 -5.86 -7.76 -13.02
C GLY A 19 -4.36 -7.47 -12.89
N GLY A 20 -3.83 -6.82 -13.91
CA GLY A 20 -2.42 -6.48 -13.93
C GLY A 20 -2.07 -5.55 -12.77
N SER A 21 -0.78 -5.48 -12.47
CA SER A 21 -0.29 -4.64 -11.39
C SER A 21 0.14 -3.28 -11.94
N ALA A 22 -0.64 -2.79 -12.90
CA ALA A 22 -0.34 -1.51 -13.51
C ALA A 22 -0.44 -0.40 -12.45
N ALA A 23 -1.65 -0.18 -12.00
CA ALA A 23 -1.90 0.85 -10.99
C ALA A 23 -1.09 0.52 -9.73
N GLU A 24 -0.73 -0.74 -9.60
CA GLU A 24 0.05 -1.20 -8.46
C GLU A 24 1.54 -1.11 -8.77
N ALA A 25 1.89 -0.11 -9.56
CA ALA A 25 3.29 0.10 -9.94
C ALA A 25 3.68 1.55 -9.66
N TYR A 26 2.80 2.45 -10.07
CA TYR A 26 3.03 3.87 -9.87
C TYR A 26 2.27 4.39 -8.66
N ALA A 27 1.04 3.93 -8.53
CA ALA A 27 0.20 4.34 -7.41
C ALA A 27 0.62 3.59 -6.15
N LYS A 28 1.56 2.67 -6.33
CA LYS A 28 2.06 1.89 -5.22
C LYS A 28 3.23 2.63 -4.57
N ARG A 29 3.90 3.44 -5.37
CA ARG A 29 5.03 4.20 -4.88
C ARG A 29 4.58 5.60 -4.44
N ILE A 30 3.71 6.19 -5.25
CA ILE A 30 3.20 7.52 -4.94
C ILE A 30 2.98 7.65 -3.44
N ALA A 31 2.25 6.67 -2.89
CA ALA A 31 1.96 6.67 -1.47
C ALA A 31 3.27 6.88 -0.69
N GLU A 32 4.25 6.05 -1.00
CA GLU A 32 5.54 6.14 -0.34
C GLU A 32 6.02 7.59 -0.31
N ALA A 33 6.13 8.17 -1.50
CA ALA A 33 6.58 9.55 -1.63
C ALA A 33 5.74 10.44 -0.71
N MET A 34 4.43 10.34 -0.88
CA MET A 34 3.51 11.13 -0.07
C MET A 34 3.63 10.77 1.41
N ALA A 35 4.34 9.67 1.66
CA ALA A 35 4.53 9.21 3.02
C ALA A 35 5.76 9.89 3.62
N LYS A 36 5.60 11.17 3.91
CA LYS A 36 6.69 11.94 4.49
C LYS A 36 6.21 12.59 5.79
N GLY A 37 5.03 13.18 5.72
CA GLY A 37 4.44 13.84 6.88
C GLY A 37 5.17 15.15 7.18
N ARG A 1 2.10 -1.29 4.75
CA ARG A 1 3.54 -1.44 4.63
C ARG A 1 4.00 -2.74 5.28
N GLY A 2 3.17 -3.24 6.18
CA GLY A 2 3.47 -4.47 6.88
C GLY A 2 2.24 -5.39 6.94
N LYS A 3 2.10 -6.08 8.06
CA LYS A 3 0.99 -6.98 8.25
C LYS A 3 0.29 -6.65 9.58
N TRP A 4 -1.03 -6.61 9.51
CA TRP A 4 -1.83 -6.31 10.68
C TRP A 4 -1.92 -7.58 11.53
N THR A 5 -1.01 -7.68 12.50
CA THR A 5 -0.98 -8.83 13.38
C THR A 5 -1.23 -8.40 14.83
N TYR A 6 -2.07 -9.17 15.50
CA TYR A 6 -2.41 -8.87 16.88
C TYR A 6 -2.38 -10.15 17.73
N ASN A 7 -3.29 -11.06 17.42
CA ASN A 7 -3.37 -12.32 18.14
C ASN A 7 -2.60 -13.39 17.38
N GLY A 8 -2.94 -13.55 16.11
CA GLY A 8 -2.28 -14.53 15.27
C GLY A 8 -2.74 -14.41 13.82
N ILE A 9 -4.02 -14.13 13.66
CA ILE A 9 -4.60 -13.99 12.32
C ILE A 9 -4.49 -12.53 11.89
N THR A 10 -4.14 -12.34 10.63
CA THR A 10 -3.99 -11.01 10.07
C THR A 10 -5.34 -10.27 10.11
N TYR A 11 -5.27 -8.98 10.40
CA TYR A 11 -6.47 -8.16 10.46
C TYR A 11 -6.54 -7.20 9.27
N GLU A 12 -5.74 -7.51 8.25
CA GLU A 12 -5.70 -6.68 7.06
C GLU A 12 -7.10 -6.15 6.74
N GLY A 13 -7.12 -5.00 6.08
CA GLY A 13 -8.39 -4.38 5.71
C GLY A 13 -9.02 -3.65 6.90
N GLY A 14 -10.27 -3.97 7.16
CA GLY A 14 -10.99 -3.36 8.26
C GLY A 14 -11.70 -2.08 7.81
N GLY A 15 -12.94 -2.26 7.38
CA GLY A 15 -13.73 -1.13 6.92
C GLY A 15 -13.62 -0.96 5.40
N GLY A 16 -13.86 0.26 4.95
CA GLY A 16 -13.79 0.57 3.53
C GLY A 16 -12.36 0.90 3.12
N GLY A 17 -11.95 0.32 2.00
CA GLY A 17 -10.61 0.54 1.47
C GLY A 17 -10.48 -0.01 0.05
N GLY A 18 -9.34 0.29 -0.56
CA GLY A 18 -9.08 -0.16 -1.91
C GLY A 18 -8.15 -1.38 -1.91
N GLY A 19 -6.87 -1.11 -2.10
CA GLY A 19 -5.87 -2.17 -2.12
C GLY A 19 -5.47 -2.52 -3.56
N GLY A 20 -4.45 -3.35 -3.67
CA GLY A 20 -3.97 -3.76 -4.98
C GLY A 20 -3.21 -2.63 -5.67
N SER A 21 -1.90 -2.62 -5.47
CA SER A 21 -1.06 -1.60 -6.07
C SER A 21 0.11 -2.25 -6.81
N ALA A 22 -0.17 -2.66 -8.04
CA ALA A 22 0.85 -3.29 -8.86
C ALA A 22 1.68 -2.22 -9.56
N ALA A 23 1.03 -1.51 -10.48
CA ALA A 23 1.69 -0.46 -11.21
C ALA A 23 1.41 0.89 -10.56
N GLU A 24 0.92 0.82 -9.33
CA GLU A 24 0.59 2.02 -8.57
C GLU A 24 1.73 2.37 -7.62
N ALA A 25 2.28 1.33 -7.01
CA ALA A 25 3.37 1.52 -6.06
C ALA A 25 4.53 2.23 -6.76
N TYR A 26 4.54 2.13 -8.08
CA TYR A 26 5.57 2.76 -8.87
C TYR A 26 5.10 4.12 -9.43
N ALA A 27 3.87 4.11 -9.92
CA ALA A 27 3.29 5.32 -10.48
C ALA A 27 3.11 6.36 -9.37
N LYS A 28 3.26 5.88 -8.13
CA LYS A 28 3.11 6.75 -6.97
C LYS A 28 4.40 7.54 -6.76
N ARG A 29 5.45 6.80 -6.41
CA ARG A 29 6.75 7.41 -6.17
C ARG A 29 7.14 8.30 -7.36
N ILE A 30 6.89 7.79 -8.55
CA ILE A 30 7.21 8.51 -9.76
C ILE A 30 6.92 10.01 -9.55
N ALA A 31 5.66 10.30 -9.28
CA ALA A 31 5.24 11.67 -9.04
C ALA A 31 6.31 12.39 -8.23
N GLU A 32 6.74 11.73 -7.16
CA GLU A 32 7.75 12.30 -6.29
C GLU A 32 9.08 12.45 -7.04
N ALA A 33 9.50 11.35 -7.65
CA ALA A 33 10.75 11.34 -8.40
C ALA A 33 10.88 12.65 -9.17
N MET A 34 9.87 12.93 -9.97
CA MET A 34 9.85 14.14 -10.78
C MET A 34 9.35 15.34 -9.95
N ALA A 35 8.66 15.02 -8.87
CA ALA A 35 8.13 16.05 -7.99
C ALA A 35 7.58 17.20 -8.85
N LYS A 36 6.95 16.84 -9.95
CA LYS A 36 6.38 17.83 -10.85
C LYS A 36 5.73 18.94 -10.03
N GLY A 37 5.82 20.15 -10.56
CA GLY A 37 5.25 21.31 -9.89
C GLY A 37 3.80 21.55 -10.35
N ARG A 1 -9.34 -4.40 4.45
CA ARG A 1 -9.55 -2.96 4.32
C ARG A 1 -9.19 -2.25 5.63
N GLY A 2 -9.81 -2.71 6.70
CA GLY A 2 -9.57 -2.14 8.01
C GLY A 2 -8.22 -2.59 8.57
N LYS A 3 -8.20 -2.82 9.88
CA LYS A 3 -6.99 -3.26 10.54
C LYS A 3 -6.69 -4.71 10.15
N TRP A 4 -5.70 -4.86 9.28
CA TRP A 4 -5.31 -6.19 8.83
C TRP A 4 -5.23 -7.10 10.05
N THR A 5 -6.30 -7.85 10.26
CA THR A 5 -6.35 -8.77 11.38
C THR A 5 -6.74 -10.17 10.90
N TYR A 6 -5.80 -11.10 11.03
CA TYR A 6 -6.03 -12.47 10.63
C TYR A 6 -6.09 -13.40 11.83
N ASN A 7 -7.29 -13.85 12.15
CA ASN A 7 -7.49 -14.75 13.28
C ASN A 7 -6.77 -14.18 14.51
N GLY A 8 -7.11 -12.94 14.82
CA GLY A 8 -6.52 -12.27 15.98
C GLY A 8 -5.30 -11.45 15.55
N ILE A 9 -4.25 -12.17 15.16
CA ILE A 9 -3.02 -11.51 14.73
C ILE A 9 -3.36 -10.29 13.89
N THR A 10 -2.53 -9.27 14.03
CA THR A 10 -2.73 -8.03 13.28
C THR A 10 -1.52 -7.73 12.42
N TYR A 11 -1.74 -7.75 11.11
CA TYR A 11 -0.67 -7.48 10.16
C TYR A 11 -0.65 -6.01 9.77
N GLU A 12 0.06 -5.23 10.58
CA GLU A 12 0.17 -3.80 10.32
C GLU A 12 0.94 -3.54 9.03
N GLY A 13 0.57 -2.45 8.37
CA GLY A 13 1.22 -2.09 7.11
C GLY A 13 0.57 -0.84 6.51
N GLY A 14 1.37 -0.10 5.75
CA GLY A 14 0.88 1.10 5.11
C GLY A 14 1.18 1.09 3.61
N GLY A 15 2.46 1.18 3.29
CA GLY A 15 2.88 1.17 1.90
C GLY A 15 3.30 -0.24 1.46
N GLY A 16 2.37 -0.91 0.79
CA GLY A 16 2.63 -2.25 0.31
C GLY A 16 3.95 -2.32 -0.46
N GLY A 17 4.54 -3.51 -0.46
CA GLY A 17 5.80 -3.71 -1.15
C GLY A 17 5.73 -4.94 -2.06
N GLY A 18 5.52 -6.10 -1.43
CA GLY A 18 5.42 -7.34 -2.15
C GLY A 18 4.02 -7.54 -2.73
N GLY A 19 3.79 -8.74 -3.25
CA GLY A 19 2.50 -9.08 -3.83
C GLY A 19 2.31 -8.38 -5.18
N GLY A 20 1.09 -7.93 -5.41
CA GLY A 20 0.76 -7.24 -6.64
C GLY A 20 1.21 -5.78 -6.59
N SER A 21 0.34 -4.94 -6.05
CA SER A 21 0.64 -3.53 -5.93
C SER A 21 0.93 -2.94 -7.32
N ALA A 22 0.02 -3.20 -8.24
CA ALA A 22 0.17 -2.71 -9.61
C ALA A 22 -0.27 -1.24 -9.67
N ALA A 23 -1.23 -0.91 -8.82
CA ALA A 23 -1.74 0.45 -8.77
C ALA A 23 -1.09 1.20 -7.60
N GLU A 24 -0.55 0.41 -6.67
CA GLU A 24 0.11 0.98 -5.51
C GLU A 24 1.60 1.20 -5.78
N ALA A 25 2.06 0.58 -6.85
CA ALA A 25 3.46 0.70 -7.25
C ALA A 25 3.60 1.81 -8.29
N TYR A 26 2.56 2.63 -8.38
CA TYR A 26 2.55 3.73 -9.31
C TYR A 26 2.23 5.05 -8.61
N ALA A 27 1.25 4.99 -7.73
CA ALA A 27 0.84 6.17 -6.98
C ALA A 27 1.87 6.45 -5.89
N LYS A 28 2.82 5.55 -5.76
CA LYS A 28 3.87 5.68 -4.76
C LYS A 28 4.98 6.56 -5.32
N ARG A 29 5.24 6.40 -6.60
CA ARG A 29 6.28 7.16 -7.27
C ARG A 29 5.73 8.52 -7.71
N ILE A 30 4.53 8.49 -8.27
CA ILE A 30 3.88 9.70 -8.73
C ILE A 30 4.19 10.84 -7.76
N ALA A 31 3.94 10.59 -6.48
CA ALA A 31 4.19 11.58 -5.46
C ALA A 31 5.54 12.26 -5.72
N GLU A 32 6.54 11.43 -5.92
CA GLU A 32 7.89 11.94 -6.18
C GLU A 32 7.85 13.00 -7.28
N ALA A 33 7.30 12.60 -8.43
CA ALA A 33 7.18 13.50 -9.55
C ALA A 33 6.46 14.78 -9.12
N MET A 34 5.34 14.58 -8.45
CA MET A 34 4.55 15.70 -7.97
C MET A 34 5.32 16.52 -6.93
N ALA A 35 6.44 15.95 -6.49
CA ALA A 35 7.27 16.61 -5.50
C ALA A 35 8.45 17.28 -6.20
N LYS A 36 8.92 18.35 -5.58
CA LYS A 36 10.05 19.09 -6.14
C LYS A 36 11.08 18.11 -6.70
N GLY A 37 11.65 17.32 -5.81
CA GLY A 37 12.65 16.34 -6.19
C GLY A 37 13.15 15.56 -4.97
N ARG A 1 -10.00 -17.65 5.21
CA ARG A 1 -9.42 -17.98 6.50
C ARG A 1 -7.91 -17.68 6.51
N GLY A 2 -7.57 -16.57 7.16
CA GLY A 2 -6.17 -16.18 7.24
C GLY A 2 -6.02 -14.89 8.06
N LYS A 3 -6.07 -15.06 9.37
CA LYS A 3 -5.94 -13.94 10.28
C LYS A 3 -4.69 -14.12 11.15
N TRP A 4 -3.69 -13.30 10.87
CA TRP A 4 -2.45 -13.37 11.62
C TRP A 4 -2.12 -11.96 12.12
N THR A 5 -1.86 -11.86 13.41
CA THR A 5 -1.53 -10.60 14.03
C THR A 5 -0.04 -10.31 13.90
N TYR A 6 0.29 -9.02 13.84
CA TYR A 6 1.68 -8.60 13.73
C TYR A 6 2.13 -7.84 14.97
N ASN A 7 1.48 -6.70 15.18
CA ASN A 7 1.81 -5.86 16.33
C ASN A 7 0.51 -5.41 17.01
N GLY A 8 -0.10 -6.34 17.74
CA GLY A 8 -1.34 -6.04 18.43
C GLY A 8 -2.53 -6.10 17.49
N ILE A 9 -2.48 -5.26 16.47
CA ILE A 9 -3.54 -5.21 15.48
C ILE A 9 -3.65 -6.56 14.77
N THR A 10 -4.88 -6.97 14.52
CA THR A 10 -5.13 -8.24 13.86
C THR A 10 -5.55 -8.00 12.41
N TYR A 11 -5.32 -9.01 11.58
CA TYR A 11 -5.66 -8.94 10.17
C TYR A 11 -6.89 -9.78 9.87
N GLU A 12 -7.86 -9.14 9.21
CA GLU A 12 -9.09 -9.82 8.84
C GLU A 12 -9.21 -9.91 7.33
N GLY A 13 -9.91 -10.95 6.88
CA GLY A 13 -10.11 -11.17 5.46
C GLY A 13 -9.58 -12.53 5.04
N GLY A 14 -8.47 -12.50 4.30
CA GLY A 14 -7.85 -13.73 3.83
C GLY A 14 -8.15 -13.95 2.34
N GLY A 15 -7.11 -14.31 1.61
CA GLY A 15 -7.25 -14.56 0.19
C GLY A 15 -6.16 -13.83 -0.61
N GLY A 16 -6.47 -12.60 -0.97
CA GLY A 16 -5.53 -11.78 -1.73
C GLY A 16 -5.50 -10.35 -1.19
N GLY A 17 -4.99 -9.46 -2.04
CA GLY A 17 -4.90 -8.05 -1.66
C GLY A 17 -3.55 -7.46 -2.09
N GLY A 18 -3.59 -6.19 -2.47
CA GLY A 18 -2.39 -5.51 -2.90
C GLY A 18 -2.49 -4.00 -2.61
N GLY A 19 -1.36 -3.33 -2.79
CA GLY A 19 -1.30 -1.89 -2.56
C GLY A 19 -0.50 -1.20 -3.66
N GLY A 20 0.82 -1.24 -3.51
CA GLY A 20 1.71 -0.62 -4.47
C GLY A 20 1.35 -1.04 -5.89
N SER A 21 2.13 -0.53 -6.85
CA SER A 21 1.90 -0.85 -8.24
C SER A 21 3.02 -0.23 -9.10
N ALA A 22 3.29 -0.90 -10.22
CA ALA A 22 4.32 -0.42 -11.13
C ALA A 22 4.02 1.02 -11.53
N ALA A 23 2.73 1.31 -11.69
CA ALA A 23 2.31 2.64 -12.07
C ALA A 23 2.26 3.53 -10.83
N GLU A 24 2.17 2.88 -9.68
CA GLU A 24 2.12 3.60 -8.42
C GLU A 24 3.49 4.19 -8.08
N ALA A 25 4.52 3.56 -8.64
CA ALA A 25 5.88 3.99 -8.42
C ALA A 25 6.13 5.29 -9.20
N TYR A 26 5.32 5.50 -10.22
CA TYR A 26 5.44 6.67 -11.06
C TYR A 26 4.51 7.79 -10.57
N ALA A 27 3.25 7.42 -10.41
CA ALA A 27 2.25 8.37 -9.94
C ALA A 27 2.60 8.84 -8.54
N LYS A 28 3.52 8.11 -7.91
CA LYS A 28 3.96 8.44 -6.57
C LYS A 28 5.10 9.46 -6.64
N ARG A 29 6.07 9.13 -7.47
CA ARG A 29 7.23 10.00 -7.65
C ARG A 29 6.81 11.35 -8.25
N ILE A 30 5.99 11.25 -9.29
CA ILE A 30 5.50 12.44 -9.97
C ILE A 30 5.26 13.54 -8.93
N ALA A 31 4.60 13.17 -7.86
CA ALA A 31 4.31 14.12 -6.79
C ALA A 31 5.53 15.00 -6.55
N GLU A 32 6.64 14.33 -6.23
CA GLU A 32 7.88 15.05 -5.97
C GLU A 32 8.11 16.13 -7.02
N ALA A 33 8.12 15.71 -8.28
CA ALA A 33 8.33 16.63 -9.38
C ALA A 33 7.34 17.79 -9.25
N MET A 34 6.07 17.44 -9.21
CA MET A 34 5.02 18.45 -9.08
C MET A 34 5.17 19.23 -7.78
N ALA A 35 6.00 18.71 -6.89
CA ALA A 35 6.24 19.35 -5.61
C ALA A 35 7.38 20.36 -5.76
N LYS A 36 7.05 21.62 -5.51
CA LYS A 36 8.03 22.68 -5.60
C LYS A 36 9.27 22.31 -4.80
N GLY A 37 9.03 21.96 -3.54
CA GLY A 37 10.11 21.57 -2.65
C GLY A 37 9.84 20.21 -2.01
N ARG A 1 6.19 -10.38 6.53
CA ARG A 1 6.52 -11.74 6.94
C ARG A 1 5.86 -12.05 8.29
N GLY A 2 4.99 -13.06 8.26
CA GLY A 2 4.28 -13.47 9.47
C GLY A 2 2.77 -13.31 9.29
N LYS A 3 2.07 -13.33 10.41
CA LYS A 3 0.62 -13.20 10.39
C LYS A 3 0.26 -11.72 10.24
N TRP A 4 -0.24 -11.38 9.06
CA TRP A 4 -0.62 -10.02 8.77
C TRP A 4 -1.68 -9.60 9.80
N THR A 5 -1.21 -9.05 10.90
CA THR A 5 -2.09 -8.61 11.96
C THR A 5 -1.76 -7.18 12.37
N TYR A 6 -2.78 -6.33 12.33
CA TYR A 6 -2.61 -4.94 12.71
C TYR A 6 -3.64 -4.51 13.75
N ASN A 7 -4.91 -4.77 13.44
CA ASN A 7 -5.98 -4.42 14.34
C ASN A 7 -6.26 -5.60 15.27
N GLY A 8 -6.50 -6.75 14.66
CA GLY A 8 -6.77 -7.96 15.43
C GLY A 8 -7.03 -9.15 14.50
N ILE A 9 -7.67 -8.86 13.38
CA ILE A 9 -7.98 -9.90 12.41
C ILE A 9 -6.83 -9.99 11.40
N THR A 10 -6.56 -11.22 10.98
CA THR A 10 -5.49 -11.47 10.02
C THR A 10 -5.91 -11.01 8.63
N TYR A 11 -4.98 -10.38 7.94
CA TYR A 11 -5.24 -9.89 6.59
C TYR A 11 -4.54 -10.76 5.54
N GLU A 12 -4.36 -12.03 5.90
CA GLU A 12 -3.72 -12.97 4.99
C GLU A 12 -4.15 -12.71 3.56
N GLY A 13 -5.37 -12.22 3.41
CA GLY A 13 -5.91 -11.92 2.10
C GLY A 13 -7.26 -11.22 2.21
N GLY A 14 -7.39 -10.12 1.47
CA GLY A 14 -8.63 -9.36 1.48
C GLY A 14 -8.94 -8.81 0.09
N GLY A 15 -9.71 -7.73 0.07
CA GLY A 15 -10.09 -7.10 -1.19
C GLY A 15 -10.78 -5.75 -0.94
N GLY A 16 -10.67 -4.89 -1.93
CA GLY A 16 -11.28 -3.57 -1.83
C GLY A 16 -12.09 -3.25 -3.08
N GLY A 17 -12.09 -1.97 -3.45
CA GLY A 17 -12.82 -1.52 -4.62
C GLY A 17 -11.87 -0.98 -5.69
N GLY A 18 -12.18 0.22 -6.14
CA GLY A 18 -11.37 0.87 -7.17
C GLY A 18 -9.88 0.78 -6.81
N GLY A 19 -9.39 1.85 -6.20
CA GLY A 19 -7.99 1.91 -5.81
C GLY A 19 -7.82 1.50 -4.35
N GLY A 20 -6.63 1.77 -3.82
CA GLY A 20 -6.33 1.45 -2.45
C GLY A 20 -4.92 1.91 -2.06
N SER A 21 -4.68 1.97 -0.77
CA SER A 21 -3.39 2.39 -0.26
C SER A 21 -2.28 1.48 -0.80
N ALA A 22 -2.70 0.31 -1.27
CA ALA A 22 -1.77 -0.66 -1.81
C ALA A 22 -1.07 -0.06 -3.03
N ALA A 23 -1.68 0.98 -3.57
CA ALA A 23 -1.12 1.66 -4.74
C ALA A 23 -0.57 3.02 -4.31
N GLU A 24 -0.33 3.14 -3.02
CA GLU A 24 0.21 4.39 -2.48
C GLU A 24 1.72 4.45 -2.67
N ALA A 25 2.37 3.32 -2.43
CA ALA A 25 3.81 3.24 -2.58
C ALA A 25 4.22 3.83 -3.93
N TYR A 26 3.29 3.76 -4.87
CA TYR A 26 3.54 4.28 -6.21
C TYR A 26 3.04 5.72 -6.33
N ALA A 27 1.85 5.95 -5.80
CA ALA A 27 1.24 7.26 -5.84
C ALA A 27 2.06 8.23 -4.98
N LYS A 28 2.98 7.65 -4.22
CA LYS A 28 3.84 8.45 -3.36
C LYS A 28 5.00 9.01 -4.19
N ARG A 29 5.86 8.11 -4.64
CA ARG A 29 7.01 8.50 -5.43
C ARG A 29 6.57 9.40 -6.60
N ILE A 30 5.46 9.01 -7.21
CA ILE A 30 4.93 9.76 -8.33
C ILE A 30 5.12 11.26 -8.08
N ALA A 31 4.50 11.72 -7.01
CA ALA A 31 4.60 13.13 -6.64
C ALA A 31 6.03 13.60 -6.81
N GLU A 32 6.94 12.87 -6.18
CA GLU A 32 8.36 13.19 -6.26
C GLU A 32 8.77 13.45 -7.71
N ALA A 33 8.53 12.44 -8.54
CA ALA A 33 8.87 12.54 -9.94
C ALA A 33 8.27 13.82 -10.52
N MET A 34 6.96 13.96 -10.35
CA MET A 34 6.26 15.13 -10.85
C MET A 34 6.77 16.40 -10.17
N ALA A 35 7.55 16.21 -9.12
CA ALA A 35 8.11 17.33 -8.38
C ALA A 35 9.50 17.65 -8.93
N LYS A 36 9.51 18.32 -10.08
CA LYS A 36 10.75 18.70 -10.72
C LYS A 36 11.69 19.31 -9.69
N GLY A 37 12.96 19.42 -10.08
CA GLY A 37 13.97 19.97 -9.18
C GLY A 37 15.37 19.70 -9.72
N ARG A 1 0.71 -5.88 -4.49
CA ARG A 1 0.78 -7.31 -4.29
C ARG A 1 1.47 -7.62 -2.95
N GLY A 2 0.82 -8.47 -2.17
CA GLY A 2 1.36 -8.86 -0.87
C GLY A 2 0.54 -8.23 0.26
N LYS A 3 1.08 -8.35 1.47
CA LYS A 3 0.41 -7.80 2.64
C LYS A 3 0.40 -6.28 2.56
N TRP A 4 -0.79 -5.71 2.71
CA TRP A 4 -0.95 -4.28 2.65
C TRP A 4 -1.54 -3.81 3.99
N THR A 5 -1.33 -2.53 4.28
CA THR A 5 -1.83 -1.96 5.51
C THR A 5 -2.45 -0.59 5.24
N TYR A 6 -3.56 -0.33 5.93
CA TYR A 6 -4.27 0.92 5.78
C TYR A 6 -4.15 1.78 7.04
N ASN A 7 -4.52 1.18 8.17
CA ASN A 7 -4.46 1.87 9.44
C ASN A 7 -3.00 2.00 9.88
N GLY A 8 -2.39 0.85 10.13
CA GLY A 8 -0.99 0.82 10.54
C GLY A 8 -0.66 -0.51 11.23
N ILE A 9 -1.15 -1.58 10.64
CA ILE A 9 -0.91 -2.91 11.17
C ILE A 9 -1.08 -3.95 10.07
N THR A 10 -0.19 -4.92 10.07
CA THR A 10 -0.23 -5.98 9.07
C THR A 10 -1.64 -6.57 8.98
N TYR A 11 -2.07 -6.81 7.75
CA TYR A 11 -3.39 -7.37 7.51
C TYR A 11 -3.28 -8.80 6.98
N GLU A 12 -4.41 -9.51 7.06
CA GLU A 12 -4.46 -10.88 6.60
C GLU A 12 -5.72 -11.11 5.75
N GLY A 13 -5.68 -12.19 4.99
CA GLY A 13 -6.80 -12.53 4.14
C GLY A 13 -6.63 -13.93 3.53
N GLY A 14 -7.68 -14.39 2.87
CA GLY A 14 -7.65 -15.71 2.24
C GLY A 14 -8.43 -15.70 0.92
N GLY A 15 -8.36 -16.82 0.23
CA GLY A 15 -9.05 -16.95 -1.05
C GLY A 15 -8.10 -17.43 -2.14
N GLY A 16 -8.00 -16.62 -3.19
CA GLY A 16 -7.13 -16.94 -4.31
C GLY A 16 -5.98 -15.94 -4.41
N GLY A 17 -5.97 -15.23 -5.53
CA GLY A 17 -4.95 -14.22 -5.78
C GLY A 17 -5.06 -13.06 -4.80
N GLY A 18 -4.47 -11.94 -5.18
CA GLY A 18 -4.51 -10.75 -4.35
C GLY A 18 -5.87 -10.06 -4.44
N GLY A 19 -5.84 -8.80 -4.81
CA GLY A 19 -7.06 -8.02 -4.94
C GLY A 19 -7.11 -6.91 -3.88
N GLY A 20 -6.73 -5.71 -4.31
CA GLY A 20 -6.73 -4.56 -3.42
C GLY A 20 -6.05 -3.37 -4.07
N SER A 21 -6.31 -2.20 -3.50
CA SER A 21 -5.72 -0.97 -4.01
C SER A 21 -4.20 -1.11 -4.09
N ALA A 22 -3.66 -0.82 -5.27
CA ALA A 22 -2.24 -0.91 -5.48
C ALA A 22 -1.65 0.49 -5.58
N ALA A 23 -2.26 1.31 -6.43
CA ALA A 23 -1.81 2.67 -6.62
C ALA A 23 -1.94 3.44 -5.31
N GLU A 24 -2.79 2.91 -4.44
CA GLU A 24 -3.01 3.53 -3.14
C GLU A 24 -2.01 3.00 -2.12
N ALA A 25 -0.95 2.39 -2.63
CA ALA A 25 0.09 1.83 -1.79
C ALA A 25 1.46 2.29 -2.29
N TYR A 26 1.63 2.17 -3.60
CA TYR A 26 2.88 2.57 -4.22
C TYR A 26 2.83 4.02 -4.69
N ALA A 27 1.77 4.34 -5.42
CA ALA A 27 1.58 5.69 -5.93
C ALA A 27 1.40 6.65 -4.76
N LYS A 28 1.12 6.07 -3.60
CA LYS A 28 0.91 6.87 -2.40
C LYS A 28 2.27 7.14 -1.74
N ARG A 29 3.03 6.08 -1.57
CA ARG A 29 4.34 6.18 -0.96
C ARG A 29 5.27 7.03 -1.82
N ILE A 30 5.24 6.75 -3.11
CA ILE A 30 6.07 7.48 -4.06
C ILE A 30 6.17 8.95 -3.62
N ALA A 31 5.01 9.60 -3.59
CA ALA A 31 4.94 10.99 -3.20
C ALA A 31 5.86 11.23 -2.00
N GLU A 32 5.66 10.40 -0.98
CA GLU A 32 6.47 10.50 0.23
C GLU A 32 7.95 10.55 -0.12
N ALA A 33 8.39 9.52 -0.83
CA ALA A 33 9.79 9.43 -1.24
C ALA A 33 10.19 10.74 -1.93
N MET A 34 9.46 11.06 -2.99
CA MET A 34 9.73 12.27 -3.74
C MET A 34 9.54 13.52 -2.87
N ALA A 35 8.94 13.31 -1.71
CA ALA A 35 8.70 14.40 -0.78
C ALA A 35 9.78 14.40 0.28
N LYS A 36 10.30 15.60 0.54
CA LYS A 36 11.35 15.76 1.53
C LYS A 36 10.72 15.84 2.93
N GLY A 37 10.95 14.82 3.72
CA GLY A 37 10.41 14.77 5.06
C GLY A 37 9.25 13.77 5.16
N ARG A 1 -1.25 2.02 11.65
CA ARG A 1 -1.26 2.41 10.25
C ARG A 1 -2.18 1.48 9.45
N GLY A 2 -1.88 0.19 9.53
CA GLY A 2 -2.66 -0.81 8.83
C GLY A 2 -2.58 -2.16 9.53
N LYS A 3 -3.38 -2.30 10.58
CA LYS A 3 -3.40 -3.54 11.34
C LYS A 3 -4.84 -3.90 11.68
N TRP A 4 -5.11 -5.20 11.73
CA TRP A 4 -6.44 -5.69 12.03
C TRP A 4 -6.32 -7.15 12.44
N THR A 5 -6.55 -7.39 13.72
CA THR A 5 -6.47 -8.75 14.24
C THR A 5 -7.85 -9.41 14.22
N TYR A 6 -8.04 -10.27 13.23
CA TYR A 6 -9.31 -10.97 13.07
C TYR A 6 -9.64 -11.78 14.33
N ASN A 7 -8.63 -12.48 14.83
CA ASN A 7 -8.80 -13.30 16.01
C ASN A 7 -7.87 -12.78 17.12
N GLY A 8 -6.58 -12.83 16.83
CA GLY A 8 -5.59 -12.37 17.78
C GLY A 8 -4.19 -12.33 17.14
N ILE A 9 -4.18 -12.05 15.84
CA ILE A 9 -2.92 -11.98 15.11
C ILE A 9 -2.78 -10.59 14.48
N THR A 10 -1.54 -10.17 14.34
CA THR A 10 -1.25 -8.87 13.76
C THR A 10 -2.05 -8.68 12.46
N TYR A 11 -1.75 -9.53 11.49
CA TYR A 11 -2.43 -9.46 10.21
C TYR A 11 -2.32 -8.06 9.60
N GLU A 12 -1.20 -7.41 9.90
CA GLU A 12 -0.96 -6.07 9.38
C GLU A 12 -0.64 -6.12 7.89
N GLY A 13 -1.23 -5.21 7.15
CA GLY A 13 -1.02 -5.14 5.72
C GLY A 13 -2.29 -4.69 4.99
N GLY A 14 -3.20 -5.64 4.81
CA GLY A 14 -4.46 -5.36 4.14
C GLY A 14 -4.93 -6.57 3.33
N GLY A 15 -5.93 -6.32 2.49
CA GLY A 15 -6.48 -7.38 1.66
C GLY A 15 -7.95 -7.12 1.33
N GLY A 16 -8.68 -8.21 1.19
CA GLY A 16 -10.11 -8.11 0.88
C GLY A 16 -10.38 -8.50 -0.57
N GLY A 17 -10.04 -7.59 -1.47
CA GLY A 17 -10.24 -7.84 -2.90
C GLY A 17 -10.79 -6.59 -3.59
N GLY A 18 -10.68 -6.59 -4.91
CA GLY A 18 -11.16 -5.47 -5.70
C GLY A 18 -10.03 -4.47 -5.99
N GLY A 19 -9.13 -4.89 -6.87
CA GLY A 19 -8.01 -4.04 -7.25
C GLY A 19 -6.74 -4.47 -6.49
N GLY A 20 -5.85 -3.50 -6.33
CA GLY A 20 -4.60 -3.75 -5.63
C GLY A 20 -3.42 -3.13 -6.38
N SER A 21 -2.32 -2.94 -5.66
CA SER A 21 -1.13 -2.36 -6.24
C SER A 21 -0.92 -2.90 -7.66
N ALA A 22 -1.38 -2.12 -8.62
CA ALA A 22 -1.25 -2.50 -10.01
C ALA A 22 -0.53 -1.38 -10.79
N ALA A 23 -0.95 -0.15 -10.51
CA ALA A 23 -0.36 0.99 -11.17
C ALA A 23 0.26 1.92 -10.11
N GLU A 24 0.49 1.35 -8.93
CA GLU A 24 1.07 2.10 -7.84
C GLU A 24 2.56 2.31 -8.08
N ALA A 25 3.16 1.38 -8.80
CA ALA A 25 4.58 1.45 -9.12
C ALA A 25 4.85 2.73 -9.89
N TYR A 26 3.90 3.09 -10.75
CA TYR A 26 4.04 4.30 -11.55
C TYR A 26 3.63 5.54 -10.74
N ALA A 27 2.61 5.36 -9.92
CA ALA A 27 2.12 6.46 -9.10
C ALA A 27 3.05 6.64 -7.89
N LYS A 28 3.98 5.72 -7.77
CA LYS A 28 4.93 5.76 -6.67
C LYS A 28 6.06 6.73 -7.02
N ARG A 29 6.48 6.65 -8.28
CA ARG A 29 7.56 7.51 -8.76
C ARG A 29 7.02 8.90 -9.10
N ILE A 30 5.84 8.91 -9.73
CA ILE A 30 5.21 10.15 -10.13
C ILE A 30 5.44 11.20 -9.03
N ALA A 31 5.11 10.81 -7.81
CA ALA A 31 5.27 11.71 -6.67
C ALA A 31 6.68 12.31 -6.70
N GLU A 32 7.67 11.42 -6.79
CA GLU A 32 9.05 11.85 -6.82
C GLU A 32 9.23 12.99 -7.83
N ALA A 33 8.82 12.72 -9.06
CA ALA A 33 8.93 13.72 -10.11
C ALA A 33 8.24 15.00 -9.67
N MET A 34 7.03 14.84 -9.15
CA MET A 34 6.24 15.97 -8.69
C MET A 34 6.94 16.68 -7.53
N ALA A 35 7.97 16.01 -7.00
CA ALA A 35 8.72 16.56 -5.88
C ALA A 35 10.08 17.06 -6.39
N LYS A 36 10.44 18.25 -5.93
CA LYS A 36 11.70 18.84 -6.33
C LYS A 36 12.81 18.35 -5.39
N GLY A 37 14.00 18.18 -5.97
CA GLY A 37 15.14 17.72 -5.20
C GLY A 37 16.36 17.50 -6.10
N ARG A 1 -3.21 -20.98 11.85
CA ARG A 1 -3.97 -21.00 10.61
C ARG A 1 -5.29 -20.24 10.78
N GLY A 2 -5.55 -19.35 9.82
CA GLY A 2 -6.77 -18.56 9.86
C GLY A 2 -6.48 -17.12 10.29
N LYS A 3 -7.55 -16.36 10.44
CA LYS A 3 -7.42 -14.96 10.84
C LYS A 3 -6.57 -14.89 12.12
N TRP A 4 -5.43 -14.23 12.00
CA TRP A 4 -4.52 -14.08 13.12
C TRP A 4 -5.25 -13.27 14.20
N THR A 5 -6.06 -13.96 14.99
CA THR A 5 -6.80 -13.33 16.05
C THR A 5 -6.35 -13.85 17.41
N TYR A 6 -5.95 -12.92 18.27
CA TYR A 6 -5.48 -13.27 19.60
C TYR A 6 -6.28 -12.53 20.66
N ASN A 7 -6.21 -11.20 20.60
CA ASN A 7 -6.91 -10.37 21.56
C ASN A 7 -8.33 -10.11 21.04
N GLY A 8 -8.40 -9.63 19.81
CA GLY A 8 -9.68 -9.33 19.18
C GLY A 8 -9.50 -8.84 17.76
N ILE A 9 -8.43 -8.07 17.56
CA ILE A 9 -8.13 -7.53 16.24
C ILE A 9 -7.19 -8.48 15.51
N THR A 10 -7.40 -8.59 14.21
CA THR A 10 -6.57 -9.45 13.39
C THR A 10 -5.17 -8.86 13.22
N TYR A 11 -4.18 -9.74 13.25
CA TYR A 11 -2.80 -9.32 13.10
C TYR A 11 -2.24 -9.73 11.74
N GLU A 12 -3.12 -10.26 10.91
CA GLU A 12 -2.73 -10.69 9.57
C GLU A 12 -1.70 -9.74 8.98
N GLY A 13 -0.85 -10.28 8.12
CA GLY A 13 0.18 -9.48 7.49
C GLY A 13 0.98 -10.31 6.48
N GLY A 14 0.88 -9.92 5.22
CA GLY A 14 1.59 -10.62 4.16
C GLY A 14 2.70 -9.75 3.57
N GLY A 15 2.28 -8.67 2.93
CA GLY A 15 3.23 -7.74 2.33
C GLY A 15 2.99 -7.64 0.81
N GLY A 16 3.65 -8.52 0.08
CA GLY A 16 3.52 -8.54 -1.36
C GLY A 16 2.06 -8.33 -1.79
N GLY A 17 1.26 -9.37 -1.56
CA GLY A 17 -0.15 -9.31 -1.91
C GLY A 17 -0.89 -8.29 -1.05
N GLY A 18 -1.45 -7.30 -1.72
CA GLY A 18 -2.20 -6.25 -1.02
C GLY A 18 -1.41 -4.94 -1.01
N GLY A 19 -2.04 -3.90 -1.51
CA GLY A 19 -1.41 -2.59 -1.56
C GLY A 19 -2.08 -1.71 -2.62
N GLY A 20 -1.57 -0.49 -2.73
CA GLY A 20 -2.10 0.46 -3.71
C GLY A 20 -1.09 1.58 -3.98
N SER A 21 -0.30 1.39 -5.03
CA SER A 21 0.70 2.37 -5.40
C SER A 21 0.42 2.87 -6.82
N ALA A 22 -0.86 2.99 -7.14
CA ALA A 22 -1.27 3.46 -8.45
C ALA A 22 -1.52 4.97 -8.39
N ALA A 23 -0.58 5.71 -8.95
CA ALA A 23 -0.69 7.16 -8.97
C ALA A 23 -0.37 7.71 -7.58
N GLU A 24 0.46 6.97 -6.86
CA GLU A 24 0.85 7.37 -5.52
C GLU A 24 2.17 8.14 -5.57
N ALA A 25 3.09 7.64 -6.38
CA ALA A 25 4.39 8.28 -6.53
C ALA A 25 4.53 8.83 -7.95
N TYR A 26 4.25 7.97 -8.91
CA TYR A 26 4.34 8.37 -10.31
C TYR A 26 3.52 9.64 -10.57
N ALA A 27 2.31 9.65 -10.05
CA ALA A 27 1.43 10.79 -10.22
C ALA A 27 1.97 11.97 -9.42
N LYS A 28 2.89 11.67 -8.52
CA LYS A 28 3.51 12.70 -7.70
C LYS A 28 4.65 13.35 -8.46
N ARG A 29 5.53 12.51 -8.99
CA ARG A 29 6.67 12.98 -9.75
C ARG A 29 6.20 13.67 -11.03
N ILE A 30 5.22 13.05 -11.67
CA ILE A 30 4.68 13.58 -12.91
C ILE A 30 4.66 15.10 -12.84
N ALA A 31 4.01 15.62 -11.80
CA ALA A 31 3.92 17.06 -11.60
C ALA A 31 5.30 17.68 -11.78
N GLU A 32 6.26 17.14 -11.04
CA GLU A 32 7.63 17.63 -11.11
C GLU A 32 8.09 17.76 -12.56
N ALA A 33 7.99 16.63 -13.27
CA ALA A 33 8.39 16.60 -14.66
C ALA A 33 7.69 17.74 -15.42
N MET A 34 6.36 17.76 -15.30
CA MET A 34 5.57 18.78 -15.96
C MET A 34 5.93 20.17 -15.45
N ALA A 35 6.67 20.19 -14.35
CA ALA A 35 7.08 21.44 -13.74
C ALA A 35 8.37 21.93 -14.41
N LYS A 36 9.40 21.09 -14.34
CA LYS A 36 10.68 21.42 -14.94
C LYS A 36 11.28 20.17 -15.57
N GLY A 37 11.52 20.27 -16.88
CA GLY A 37 12.09 19.16 -17.61
C GLY A 37 13.21 19.63 -18.54
N ARG A 1 5.68 -15.24 6.78
CA ARG A 1 4.77 -14.38 7.51
C ARG A 1 4.86 -12.94 7.01
N GLY A 2 3.92 -12.60 6.13
CA GLY A 2 3.88 -11.26 5.56
C GLY A 2 2.58 -10.55 5.93
N LYS A 3 2.66 -9.73 6.97
CA LYS A 3 1.50 -8.98 7.43
C LYS A 3 1.95 -7.60 7.90
N TRP A 4 1.13 -6.62 7.59
CA TRP A 4 1.43 -5.24 7.98
C TRP A 4 0.11 -4.56 8.35
N THR A 5 0.02 -4.15 9.61
CA THR A 5 -1.17 -3.48 10.10
C THR A 5 -1.21 -2.03 9.63
N TYR A 6 -2.42 -1.53 9.44
CA TYR A 6 -2.60 -0.16 8.99
C TYR A 6 -3.47 0.62 9.98
N ASN A 7 -4.67 0.10 10.22
CA ASN A 7 -5.60 0.73 11.13
C ASN A 7 -6.03 -0.27 12.20
N GLY A 8 -5.04 -0.95 12.76
CA GLY A 8 -5.31 -1.94 13.79
C GLY A 8 -5.62 -3.31 13.17
N ILE A 9 -6.48 -3.27 12.16
CA ILE A 9 -6.87 -4.50 11.47
C ILE A 9 -5.62 -5.16 10.87
N THR A 10 -5.55 -6.46 11.04
CA THR A 10 -4.43 -7.23 10.53
C THR A 10 -4.65 -7.59 9.05
N TYR A 11 -3.66 -7.23 8.24
CA TYR A 11 -3.74 -7.51 6.81
C TYR A 11 -3.00 -8.80 6.46
N GLU A 12 -3.77 -9.77 5.99
CA GLU A 12 -3.21 -11.06 5.62
C GLU A 12 -3.27 -11.24 4.10
N GLY A 13 -2.20 -11.79 3.56
CA GLY A 13 -2.11 -12.02 2.13
C GLY A 13 -1.81 -10.72 1.37
N GLY A 14 -1.74 -10.84 0.06
CA GLY A 14 -1.47 -9.69 -0.78
C GLY A 14 -0.14 -9.04 -0.39
N GLY A 15 0.93 -9.57 -0.98
CA GLY A 15 2.27 -9.06 -0.71
C GLY A 15 2.75 -8.17 -1.86
N GLY A 16 3.23 -8.82 -2.90
CA GLY A 16 3.73 -8.11 -4.07
C GLY A 16 2.73 -8.17 -5.22
N GLY A 17 2.19 -7.00 -5.56
CA GLY A 17 1.22 -6.91 -6.63
C GLY A 17 -0.21 -6.88 -6.09
N GLY A 18 -1.16 -6.99 -7.00
CA GLY A 18 -2.56 -6.97 -6.62
C GLY A 18 -3.47 -7.00 -7.86
N GLY A 19 -4.10 -5.87 -8.11
CA GLY A 19 -5.00 -5.75 -9.25
C GLY A 19 -5.73 -4.40 -9.24
N GLY A 20 -6.04 -3.93 -10.43
CA GLY A 20 -6.75 -2.66 -10.56
C GLY A 20 -5.95 -1.52 -9.93
N SER A 21 -6.52 -0.32 -10.01
CA SER A 21 -5.87 0.85 -9.46
C SER A 21 -6.33 1.05 -8.00
N ALA A 22 -6.47 -0.06 -7.30
CA ALA A 22 -6.89 -0.02 -5.91
C ALA A 22 -5.69 0.31 -5.03
N ALA A 23 -4.51 0.07 -5.57
CA ALA A 23 -3.28 0.34 -4.85
C ALA A 23 -2.52 1.49 -5.53
N GLU A 24 -3.25 2.23 -6.35
CA GLU A 24 -2.67 3.35 -7.06
C GLU A 24 -2.62 4.58 -6.16
N ALA A 25 -3.61 4.68 -5.28
CA ALA A 25 -3.69 5.81 -4.36
C ALA A 25 -2.40 5.89 -3.56
N TYR A 26 -1.83 4.73 -3.27
CA TYR A 26 -0.61 4.66 -2.49
C TYR A 26 0.61 4.87 -3.40
N ALA A 27 0.53 4.30 -4.60
CA ALA A 27 1.61 4.41 -5.55
C ALA A 27 1.58 5.80 -6.20
N LYS A 28 0.51 6.53 -5.89
CA LYS A 28 0.33 7.87 -6.43
C LYS A 28 1.15 8.86 -5.59
N ARG A 29 1.09 8.66 -4.29
CA ARG A 29 1.80 9.53 -3.36
C ARG A 29 3.28 9.13 -3.30
N ILE A 30 3.50 7.82 -3.28
CA ILE A 30 4.86 7.30 -3.21
C ILE A 30 5.78 8.18 -4.07
N ALA A 31 5.46 8.23 -5.35
CA ALA A 31 6.24 9.02 -6.29
C ALA A 31 6.63 10.34 -5.63
N GLU A 32 5.62 11.05 -5.16
CA GLU A 32 5.84 12.34 -4.50
C GLU A 32 6.99 12.23 -3.50
N ALA A 33 6.84 11.30 -2.58
CA ALA A 33 7.86 11.09 -1.56
C ALA A 33 9.20 10.81 -2.24
N MET A 34 9.13 10.05 -3.32
CA MET A 34 10.33 9.70 -4.07
C MET A 34 10.64 10.76 -5.13
N ALA A 35 10.06 11.94 -4.93
CA ALA A 35 10.27 13.04 -5.86
C ALA A 35 10.63 14.30 -5.08
N LYS A 36 11.84 14.29 -4.53
CA LYS A 36 12.32 15.43 -3.76
C LYS A 36 13.33 16.21 -4.60
N GLY A 37 13.88 15.54 -5.59
CA GLY A 37 14.87 16.16 -6.46
C GLY A 37 14.25 17.33 -7.22
N ARG A 1 -9.83 -12.69 4.82
CA ARG A 1 -9.67 -11.28 4.53
C ARG A 1 -10.08 -10.44 5.73
N GLY A 2 -9.38 -9.32 5.90
CA GLY A 2 -9.66 -8.42 7.00
C GLY A 2 -8.46 -8.32 7.95
N LYS A 3 -7.77 -7.20 7.87
CA LYS A 3 -6.60 -6.96 8.71
C LYS A 3 -7.04 -6.26 9.99
N TRP A 4 -6.07 -6.06 10.88
CA TRP A 4 -6.34 -5.40 12.14
C TRP A 4 -4.99 -5.11 12.82
N THR A 5 -4.70 -3.83 12.97
CA THR A 5 -3.46 -3.42 13.59
C THR A 5 -3.41 -3.90 15.04
N TYR A 6 -2.19 -4.21 15.49
CA TYR A 6 -1.99 -4.68 16.84
C TYR A 6 -0.93 -3.86 17.57
N ASN A 7 -1.28 -2.61 17.83
CA ASN A 7 -0.37 -1.70 18.52
C ASN A 7 0.72 -1.25 17.54
N GLY A 8 0.28 -0.92 16.34
CA GLY A 8 1.20 -0.47 15.30
C GLY A 8 1.24 -1.46 14.14
N ILE A 9 1.27 -2.74 14.48
CA ILE A 9 1.31 -3.78 13.47
C ILE A 9 0.27 -3.48 12.40
N THR A 10 0.34 -4.26 11.32
CA THR A 10 -0.57 -4.08 10.21
C THR A 10 -1.34 -5.38 9.94
N TYR A 11 -0.61 -6.48 10.04
CA TYR A 11 -1.19 -7.79 9.82
C TYR A 11 -2.02 -7.81 8.53
N GLU A 12 -1.56 -7.04 7.56
CA GLU A 12 -2.23 -6.95 6.28
C GLU A 12 -1.49 -7.78 5.23
N GLY A 13 -0.24 -8.08 5.53
CA GLY A 13 0.58 -8.86 4.63
C GLY A 13 0.74 -8.16 3.28
N GLY A 14 1.91 -7.57 3.08
CA GLY A 14 2.19 -6.87 1.85
C GLY A 14 1.05 -5.93 1.47
N GLY A 15 0.86 -5.76 0.18
CA GLY A 15 -0.19 -4.90 -0.33
C GLY A 15 -1.56 -5.56 -0.17
N GLY A 16 -1.80 -6.57 -0.99
CA GLY A 16 -3.06 -7.29 -0.94
C GLY A 16 -2.88 -8.74 -1.38
N GLY A 17 -2.68 -8.93 -2.67
CA GLY A 17 -2.49 -10.26 -3.22
C GLY A 17 -1.08 -10.41 -3.81
N GLY A 18 -0.87 -9.74 -4.93
CA GLY A 18 0.42 -9.80 -5.60
C GLY A 18 0.68 -8.51 -6.40
N GLY A 19 1.71 -8.56 -7.22
CA GLY A 19 2.07 -7.42 -8.03
C GLY A 19 1.38 -7.47 -9.40
N GLY A 20 0.35 -6.64 -9.54
CA GLY A 20 -0.40 -6.59 -10.78
C GLY A 20 -0.17 -5.26 -11.51
N SER A 21 -0.89 -4.25 -11.06
CA SER A 21 -0.77 -2.93 -11.66
C SER A 21 0.62 -2.36 -11.40
N ALA A 22 1.55 -2.75 -12.26
CA ALA A 22 2.92 -2.29 -12.14
C ALA A 22 2.98 -0.79 -12.41
N ALA A 23 2.49 -0.40 -13.58
CA ALA A 23 2.47 1.00 -13.97
C ALA A 23 1.81 1.82 -12.86
N GLU A 24 0.55 1.52 -12.61
CA GLU A 24 -0.20 2.22 -11.58
C GLU A 24 0.66 2.42 -10.33
N ALA A 25 1.44 1.38 -10.02
CA ALA A 25 2.31 1.42 -8.86
C ALA A 25 3.22 2.65 -8.95
N TYR A 26 3.75 2.86 -10.15
CA TYR A 26 4.64 3.98 -10.38
C TYR A 26 3.88 5.31 -10.29
N ALA A 27 2.65 5.28 -10.76
CA ALA A 27 1.81 6.46 -10.73
C ALA A 27 1.54 6.86 -9.27
N LYS A 28 0.68 6.07 -8.64
CA LYS A 28 0.32 6.32 -7.25
C LYS A 28 1.57 6.74 -6.48
N ARG A 29 2.68 6.09 -6.81
CA ARG A 29 3.94 6.38 -6.15
C ARG A 29 4.41 7.80 -6.51
N ILE A 30 4.39 8.07 -7.81
CA ILE A 30 4.81 9.38 -8.31
C ILE A 30 4.31 10.46 -7.35
N ALA A 31 3.00 10.44 -7.11
CA ALA A 31 2.38 11.41 -6.23
C ALA A 31 3.21 11.53 -4.95
N GLU A 32 3.46 10.38 -4.34
CA GLU A 32 4.24 10.33 -3.11
C GLU A 32 5.52 11.16 -3.26
N ALA A 33 6.31 10.78 -4.27
CA ALA A 33 7.55 11.48 -4.54
C ALA A 33 7.30 12.99 -4.62
N MET A 34 6.36 13.34 -5.50
CA MET A 34 6.01 14.74 -5.68
C MET A 34 5.43 15.34 -4.40
N ALA A 35 5.13 14.46 -3.46
CA ALA A 35 4.59 14.89 -2.18
C ALA A 35 5.73 15.26 -1.24
N LYS A 36 5.62 16.44 -0.66
CA LYS A 36 6.63 16.93 0.26
C LYS A 36 7.93 17.17 -0.50
N GLY A 37 7.79 17.75 -1.69
CA GLY A 37 8.94 18.04 -2.52
C GLY A 37 9.57 16.75 -3.06
N ARG A 1 5.85 -12.51 9.24
CA ARG A 1 5.69 -11.10 9.60
C ARG A 1 5.03 -10.34 8.46
N GLY A 2 3.87 -10.83 8.06
CA GLY A 2 3.11 -10.21 6.98
C GLY A 2 2.03 -9.28 7.53
N LYS A 3 1.07 -9.87 8.23
CA LYS A 3 -0.02 -9.12 8.81
C LYS A 3 0.53 -8.20 9.91
N TRP A 4 0.01 -6.99 9.95
CA TRP A 4 0.44 -6.02 10.94
C TRP A 4 -0.81 -5.37 11.55
N THR A 5 -0.99 -5.61 12.84
CA THR A 5 -2.14 -5.07 13.55
C THR A 5 -2.13 -3.55 13.47
N TYR A 6 -3.23 -3.00 12.95
CA TYR A 6 -3.36 -1.56 12.83
C TYR A 6 -4.26 -0.99 13.93
N ASN A 7 -5.53 -1.36 13.86
CA ASN A 7 -6.50 -0.88 14.83
C ASN A 7 -7.33 -2.08 15.34
N GLY A 8 -6.64 -3.00 15.99
CA GLY A 8 -7.30 -4.19 16.51
C GLY A 8 -7.87 -5.04 15.39
N ILE A 9 -7.20 -5.00 14.25
CA ILE A 9 -7.64 -5.77 13.09
C ILE A 9 -6.42 -6.30 12.35
N THR A 10 -6.55 -7.52 11.86
CA THR A 10 -5.46 -8.16 11.13
C THR A 10 -5.72 -8.09 9.62
N TYR A 11 -4.63 -8.09 8.88
CA TYR A 11 -4.72 -8.03 7.42
C TYR A 11 -4.47 -9.40 6.79
N GLU A 12 -4.89 -10.43 7.52
CA GLU A 12 -4.71 -11.79 7.04
C GLU A 12 -5.94 -12.24 6.24
N GLY A 13 -6.54 -11.27 5.56
CA GLY A 13 -7.71 -11.55 4.76
C GLY A 13 -7.33 -12.28 3.46
N GLY A 14 -6.77 -11.50 2.54
CA GLY A 14 -6.35 -12.05 1.25
C GLY A 14 -6.88 -11.21 0.10
N GLY A 15 -5.95 -10.59 -0.62
CA GLY A 15 -6.31 -9.75 -1.74
C GLY A 15 -5.99 -8.28 -1.47
N GLY A 16 -5.50 -7.60 -2.49
CA GLY A 16 -5.15 -6.21 -2.37
C GLY A 16 -5.23 -5.50 -3.72
N GLY A 17 -5.11 -4.18 -3.67
CA GLY A 17 -5.17 -3.38 -4.89
C GLY A 17 -6.50 -3.57 -5.61
N GLY A 18 -6.41 -3.81 -6.91
CA GLY A 18 -7.59 -4.01 -7.72
C GLY A 18 -7.24 -4.63 -9.07
N GLY A 19 -7.97 -4.24 -10.09
CA GLY A 19 -7.75 -4.75 -11.43
C GLY A 19 -6.77 -3.86 -12.20
N GLY A 20 -6.35 -4.36 -13.35
CA GLY A 20 -5.42 -3.62 -14.19
C GLY A 20 -4.31 -2.99 -13.36
N SER A 21 -4.40 -1.67 -13.20
CA SER A 21 -3.40 -0.94 -12.43
C SER A 21 -3.57 -1.24 -10.94
N ALA A 22 -3.21 -2.47 -10.57
CA ALA A 22 -3.32 -2.89 -9.19
C ALA A 22 -2.41 -2.02 -8.32
N ALA A 23 -2.98 -0.95 -7.79
CA ALA A 23 -2.24 -0.04 -6.95
C ALA A 23 -1.00 0.45 -7.70
N GLU A 24 -1.09 0.41 -9.02
CA GLU A 24 0.00 0.84 -9.86
C GLU A 24 -0.18 2.30 -10.28
N ALA A 25 -1.01 3.00 -9.52
CA ALA A 25 -1.28 4.40 -9.79
C ALA A 25 -0.81 5.24 -8.62
N TYR A 26 -1.03 4.72 -7.41
CA TYR A 26 -0.63 5.41 -6.20
C TYR A 26 0.84 5.12 -5.86
N ALA A 27 1.20 3.85 -6.01
CA ALA A 27 2.56 3.43 -5.71
C ALA A 27 3.52 4.06 -6.73
N LYS A 28 2.93 4.63 -7.77
CA LYS A 28 3.71 5.27 -8.81
C LYS A 28 4.13 6.67 -8.35
N ARG A 29 3.13 7.53 -8.22
CA ARG A 29 3.38 8.90 -7.79
C ARG A 29 4.22 8.91 -6.51
N ILE A 30 3.86 8.01 -5.60
CA ILE A 30 4.57 7.90 -4.34
C ILE A 30 6.07 8.15 -4.57
N ALA A 31 6.53 7.71 -5.74
CA ALA A 31 7.92 7.88 -6.09
C ALA A 31 8.31 9.36 -5.97
N GLU A 32 7.57 10.19 -6.68
CA GLU A 32 7.81 11.62 -6.66
C GLU A 32 7.82 12.13 -5.22
N ALA A 33 6.78 11.76 -4.49
CA ALA A 33 6.65 12.18 -3.10
C ALA A 33 7.95 11.87 -2.36
N MET A 34 8.35 10.61 -2.42
CA MET A 34 9.56 10.18 -1.75
C MET A 34 10.79 10.87 -2.34
N ALA A 35 10.57 11.50 -3.49
CA ALA A 35 11.64 12.20 -4.18
C ALA A 35 11.49 13.71 -3.93
N LYS A 36 12.60 14.42 -4.11
CA LYS A 36 12.60 15.85 -3.91
C LYS A 36 12.36 16.55 -5.26
N GLY A 37 12.06 17.84 -5.17
CA GLY A 37 11.81 18.62 -6.37
C GLY A 37 10.43 19.28 -6.32
N ARG A 1 -10.40 -17.50 4.13
CA ARG A 1 -9.95 -16.38 4.96
C ARG A 1 -9.24 -15.34 4.10
N GLY A 2 -9.30 -14.10 4.56
CA GLY A 2 -8.67 -13.00 3.84
C GLY A 2 -7.65 -12.29 4.73
N LYS A 3 -8.06 -11.16 5.27
CA LYS A 3 -7.19 -10.37 6.13
C LYS A 3 -7.37 -10.83 7.58
N TRP A 4 -6.26 -11.20 8.19
CA TRP A 4 -6.28 -11.67 9.57
C TRP A 4 -6.40 -10.45 10.47
N THR A 5 -7.52 -9.76 10.33
CA THR A 5 -7.77 -8.57 11.13
C THR A 5 -8.56 -8.94 12.40
N TYR A 6 -7.98 -8.56 13.53
CA TYR A 6 -8.61 -8.84 14.81
C TYR A 6 -8.76 -7.57 15.64
N ASN A 7 -9.76 -6.78 15.27
CA ASN A 7 -10.02 -5.53 15.97
C ASN A 7 -8.70 -4.84 16.29
N GLY A 8 -7.91 -4.63 15.24
CA GLY A 8 -6.61 -3.98 15.39
C GLY A 8 -5.80 -4.07 14.10
N ILE A 9 -4.59 -4.57 14.23
CA ILE A 9 -3.70 -4.70 13.09
C ILE A 9 -3.78 -6.14 12.56
N THR A 10 -3.87 -6.25 11.24
CA THR A 10 -3.96 -7.54 10.60
C THR A 10 -2.69 -8.35 10.87
N TYR A 11 -2.87 -9.67 10.93
CA TYR A 11 -1.76 -10.57 11.18
C TYR A 11 -1.47 -11.43 9.96
N GLU A 12 -0.59 -10.93 9.11
CA GLU A 12 -0.22 -11.64 7.90
C GLU A 12 0.25 -13.06 8.24
N GLY A 13 -0.07 -13.99 7.35
CA GLY A 13 0.32 -15.38 7.55
C GLY A 13 1.21 -15.87 6.42
N GLY A 14 1.05 -17.15 6.09
CA GLY A 14 1.83 -17.75 5.03
C GLY A 14 1.16 -17.55 3.67
N GLY A 15 1.79 -16.75 2.83
CA GLY A 15 1.26 -16.47 1.51
C GLY A 15 2.25 -15.64 0.69
N GLY A 16 1.69 -14.70 -0.07
CA GLY A 16 2.51 -13.83 -0.91
C GLY A 16 3.35 -12.90 -0.05
N GLY A 17 2.93 -11.64 0.00
CA GLY A 17 3.64 -10.64 0.77
C GLY A 17 2.66 -9.67 1.44
N GLY A 18 2.06 -8.83 0.62
CA GLY A 18 1.11 -7.85 1.12
C GLY A 18 1.51 -6.43 0.70
N GLY A 19 0.54 -5.74 0.11
CA GLY A 19 0.78 -4.37 -0.34
C GLY A 19 -0.28 -3.94 -1.36
N GLY A 20 -0.06 -2.77 -1.93
CA GLY A 20 -0.98 -2.23 -2.92
C GLY A 20 -0.96 -0.70 -2.90
N SER A 21 0.02 -0.14 -3.59
CA SER A 21 0.16 1.30 -3.67
C SER A 21 -0.49 1.82 -4.95
N ALA A 22 -1.73 2.28 -4.80
CA ALA A 22 -2.47 2.80 -5.95
C ALA A 22 -2.15 4.29 -6.11
N ALA A 23 -2.54 5.06 -5.10
CA ALA A 23 -2.31 6.50 -5.13
C ALA A 23 -1.11 6.83 -4.24
N GLU A 24 -0.35 5.79 -3.91
CA GLU A 24 0.83 5.95 -3.07
C GLU A 24 2.10 5.86 -3.92
N ALA A 25 1.94 5.33 -5.12
CA ALA A 25 3.06 5.19 -6.03
C ALA A 25 2.97 6.26 -7.12
N TYR A 26 2.12 7.25 -6.86
CA TYR A 26 1.93 8.33 -7.81
C TYR A 26 2.43 9.66 -7.24
N ALA A 27 2.03 9.93 -6.01
CA ALA A 27 2.44 11.15 -5.33
C ALA A 27 3.93 11.07 -4.98
N LYS A 28 4.49 9.89 -5.20
CA LYS A 28 5.89 9.67 -4.91
C LYS A 28 6.72 10.05 -6.14
N ARG A 29 6.25 9.62 -7.30
CA ARG A 29 6.93 9.91 -8.55
C ARG A 29 6.72 11.38 -8.94
N ILE A 30 5.49 11.83 -8.77
CA ILE A 30 5.15 13.20 -9.09
C ILE A 30 6.31 14.12 -8.73
N ALA A 31 7.01 13.74 -7.68
CA ALA A 31 8.15 14.52 -7.21
C ALA A 31 9.07 14.82 -8.39
N GLU A 32 9.52 13.75 -9.03
CA GLU A 32 10.41 13.88 -10.17
C GLU A 32 9.76 14.73 -11.26
N ALA A 33 8.53 14.38 -11.58
CA ALA A 33 7.78 15.10 -12.59
C ALA A 33 7.90 16.60 -12.34
N MET A 34 7.33 17.04 -11.23
CA MET A 34 7.38 18.44 -10.86
C MET A 34 8.82 18.93 -10.72
N ALA A 35 9.73 17.97 -10.65
CA ALA A 35 11.15 18.28 -10.52
C ALA A 35 11.78 18.37 -11.92
N LYS A 36 12.63 19.36 -12.08
CA LYS A 36 13.32 19.57 -13.34
C LYS A 36 13.72 18.21 -13.93
N GLY A 37 13.87 18.19 -15.25
CA GLY A 37 14.25 16.98 -15.94
C GLY A 37 15.17 17.28 -17.11
N ARG A 1 -6.08 -20.30 5.31
CA ARG A 1 -6.58 -19.02 4.84
C ARG A 1 -7.71 -18.51 5.75
N GLY A 2 -7.72 -17.21 5.94
CA GLY A 2 -8.74 -16.60 6.79
C GLY A 2 -8.24 -15.27 7.37
N LYS A 3 -7.19 -15.36 8.17
CA LYS A 3 -6.61 -14.19 8.79
C LYS A 3 -5.36 -13.78 8.01
N TRP A 4 -5.36 -12.52 7.57
CA TRP A 4 -4.25 -12.00 6.81
C TRP A 4 -2.96 -12.33 7.57
N THR A 5 -2.73 -11.57 8.64
CA THR A 5 -1.54 -11.78 9.45
C THR A 5 -0.28 -11.77 8.58
N TYR A 6 -0.20 -10.75 7.74
CA TYR A 6 0.94 -10.60 6.85
C TYR A 6 2.21 -10.31 7.64
N ASN A 7 2.22 -9.14 8.27
CA ASN A 7 3.37 -8.74 9.07
C ASN A 7 3.07 -8.94 10.55
N GLY A 8 2.37 -10.03 10.83
CA GLY A 8 2.00 -10.36 12.20
C GLY A 8 0.66 -9.74 12.57
N ILE A 9 0.41 -8.57 12.00
CA ILE A 9 -0.83 -7.86 12.26
C ILE A 9 -1.94 -8.44 11.37
N THR A 10 -3.13 -8.53 11.95
CA THR A 10 -4.28 -9.05 11.21
C THR A 10 -5.02 -7.92 10.49
N TYR A 11 -5.29 -8.15 9.22
CA TYR A 11 -5.99 -7.16 8.42
C TYR A 11 -7.47 -7.53 8.27
N GLU A 12 -8.23 -7.23 9.32
CA GLU A 12 -9.66 -7.51 9.32
C GLU A 12 -10.37 -6.68 8.26
N GLY A 13 -9.72 -5.58 7.88
CA GLY A 13 -10.28 -4.68 6.89
C GLY A 13 -9.83 -3.24 7.12
N GLY A 14 -9.77 -2.48 6.04
CA GLY A 14 -9.35 -1.10 6.12
C GLY A 14 -7.83 -0.98 6.17
N GLY A 15 -7.34 -0.42 7.27
CA GLY A 15 -5.91 -0.25 7.45
C GLY A 15 -5.24 0.16 6.14
N GLY A 16 -5.12 1.47 5.95
CA GLY A 16 -4.50 2.00 4.75
C GLY A 16 -5.56 2.34 3.70
N GLY A 17 -5.36 1.79 2.50
CA GLY A 17 -6.28 2.03 1.40
C GLY A 17 -5.52 2.26 0.10
N GLY A 18 -5.95 1.55 -0.93
CA GLY A 18 -5.33 1.67 -2.25
C GLY A 18 -4.81 0.31 -2.73
N GLY A 19 -3.76 0.37 -3.53
CA GLY A 19 -3.17 -0.84 -4.07
C GLY A 19 -2.50 -1.66 -2.97
N GLY A 20 -1.48 -2.41 -3.36
CA GLY A 20 -0.76 -3.25 -2.42
C GLY A 20 0.75 -3.06 -2.57
N SER A 21 1.20 -1.86 -2.24
CA SER A 21 2.62 -1.54 -2.34
C SER A 21 3.15 -1.95 -3.71
N ALA A 22 2.27 -1.92 -4.69
CA ALA A 22 2.64 -2.28 -6.06
C ALA A 22 3.17 -1.04 -6.79
N ALA A 23 4.48 -0.92 -6.79
CA ALA A 23 5.13 0.21 -7.45
C ALA A 23 4.95 1.46 -6.59
N GLU A 24 4.79 1.24 -5.29
CA GLU A 24 4.62 2.33 -4.36
C GLU A 24 5.86 3.22 -4.34
N ALA A 25 7.00 2.60 -4.53
CA ALA A 25 8.26 3.31 -4.53
C ALA A 25 8.19 4.45 -5.56
N TYR A 26 7.84 4.09 -6.78
CA TYR A 26 7.72 5.06 -7.85
C TYR A 26 6.46 5.89 -7.70
N ALA A 27 5.42 5.25 -7.18
CA ALA A 27 4.15 5.92 -6.98
C ALA A 27 4.22 6.77 -5.71
N LYS A 28 5.38 6.74 -5.08
CA LYS A 28 5.60 7.49 -3.85
C LYS A 28 6.09 8.89 -4.20
N ARG A 29 7.00 8.94 -5.17
CA ARG A 29 7.55 10.21 -5.62
C ARG A 29 6.58 10.91 -6.57
N ILE A 30 5.99 10.12 -7.44
CA ILE A 30 5.04 10.65 -8.41
C ILE A 30 4.21 11.75 -7.76
N ALA A 31 3.65 11.41 -6.60
CA ALA A 31 2.82 12.36 -5.86
C ALA A 31 3.59 13.67 -5.70
N GLU A 32 4.81 13.56 -5.20
CA GLU A 32 5.65 14.72 -4.99
C GLU A 32 5.66 15.60 -6.24
N ALA A 33 6.03 14.99 -7.35
CA ALA A 33 6.08 15.69 -8.63
C ALA A 33 4.73 16.36 -8.89
N MET A 34 3.68 15.56 -8.73
CA MET A 34 2.33 16.06 -8.95
C MET A 34 1.98 17.15 -7.94
N ALA A 35 2.83 17.28 -6.93
CA ALA A 35 2.62 18.28 -5.89
C ALA A 35 3.52 19.48 -6.16
N LYS A 36 2.93 20.49 -6.79
CA LYS A 36 3.66 21.70 -7.11
C LYS A 36 4.47 22.14 -5.89
N GLY A 37 3.75 22.52 -4.84
CA GLY A 37 4.39 22.97 -3.62
C GLY A 37 3.54 24.03 -2.92
N ARG A 1 1.83 -1.42 9.88
CA ARG A 1 1.34 -0.26 9.17
C ARG A 1 0.63 -0.68 7.88
N GLY A 2 -0.65 -0.38 7.82
CA GLY A 2 -1.45 -0.72 6.66
C GLY A 2 -2.28 -1.99 6.91
N LYS A 3 -1.58 -3.12 6.86
CA LYS A 3 -2.23 -4.40 7.08
C LYS A 3 -2.74 -4.48 8.53
N TRP A 4 -4.04 -4.36 8.67
CA TRP A 4 -4.66 -4.41 9.98
C TRP A 4 -4.24 -5.72 10.65
N THR A 5 -3.14 -5.64 11.38
CA THR A 5 -2.62 -6.80 12.08
C THR A 5 -2.52 -6.53 13.59
N TYR A 6 -2.98 -7.50 14.36
CA TYR A 6 -2.94 -7.37 15.81
C TYR A 6 -2.36 -8.62 16.46
N ASN A 7 -1.07 -8.83 16.20
CA ASN A 7 -0.38 -10.00 16.76
C ASN A 7 -1.28 -11.23 16.62
N GLY A 8 -1.71 -11.47 15.38
CA GLY A 8 -2.56 -12.61 15.10
C GLY A 8 -2.92 -12.67 13.61
N ILE A 9 -4.22 -12.65 13.35
CA ILE A 9 -4.70 -12.72 11.98
C ILE A 9 -5.10 -11.31 11.52
N THR A 10 -4.66 -10.96 10.33
CA THR A 10 -4.96 -9.65 9.76
C THR A 10 -6.46 -9.52 9.52
N TYR A 11 -6.93 -8.28 9.61
CA TYR A 11 -8.34 -8.00 9.41
C TYR A 11 -8.56 -7.17 8.15
N GLU A 12 -8.64 -7.86 7.02
CA GLU A 12 -8.83 -7.21 5.74
C GLU A 12 -10.22 -6.56 5.69
N GLY A 13 -11.14 -7.13 6.47
CA GLY A 13 -12.49 -6.62 6.52
C GLY A 13 -13.14 -6.63 5.13
N GLY A 14 -14.16 -7.47 5.01
CA GLY A 14 -14.86 -7.60 3.74
C GLY A 14 -14.44 -8.86 3.00
N GLY A 15 -14.12 -8.69 1.72
CA GLY A 15 -13.70 -9.81 0.90
C GLY A 15 -12.79 -9.33 -0.24
N GLY A 16 -13.37 -8.56 -1.15
CA GLY A 16 -12.62 -8.04 -2.28
C GLY A 16 -11.24 -7.56 -1.84
N GLY A 17 -10.32 -7.56 -2.80
CA GLY A 17 -8.96 -7.13 -2.53
C GLY A 17 -7.95 -8.06 -3.19
N GLY A 18 -6.73 -7.56 -3.34
CA GLY A 18 -5.66 -8.32 -3.96
C GLY A 18 -5.87 -8.44 -5.47
N GLY A 19 -4.79 -8.23 -6.20
CA GLY A 19 -4.84 -8.30 -7.65
C GLY A 19 -3.61 -7.65 -8.28
N GLY A 20 -3.51 -6.34 -8.10
CA GLY A 20 -2.39 -5.59 -8.64
C GLY A 20 -1.70 -4.78 -7.55
N SER A 21 -1.02 -3.72 -7.98
CA SER A 21 -0.31 -2.86 -7.05
C SER A 21 -1.18 -1.65 -6.69
N ALA A 22 -1.73 -1.70 -5.48
CA ALA A 22 -2.58 -0.61 -5.01
C ALA A 22 -1.71 0.57 -4.59
N ALA A 23 -0.90 0.34 -3.57
CA ALA A 23 -0.01 1.37 -3.07
C ALA A 23 1.44 1.01 -3.43
N GLU A 24 1.56 0.13 -4.41
CA GLU A 24 2.88 -0.29 -4.87
C GLU A 24 3.14 0.21 -6.28
N ALA A 25 4.42 0.34 -6.61
CA ALA A 25 4.82 0.81 -7.92
C ALA A 25 4.25 2.21 -8.16
N TYR A 26 4.01 2.91 -7.05
CA TYR A 26 3.47 4.26 -7.12
C TYR A 26 4.24 5.20 -6.19
N ALA A 27 4.39 4.77 -4.95
CA ALA A 27 5.11 5.56 -3.96
C ALA A 27 6.58 5.66 -4.36
N LYS A 28 6.95 4.85 -5.34
CA LYS A 28 8.32 4.84 -5.83
C LYS A 28 8.49 5.90 -6.91
N ARG A 29 7.60 5.83 -7.90
CA ARG A 29 7.63 6.77 -9.01
C ARG A 29 7.33 8.19 -8.50
N ILE A 30 6.34 8.28 -7.63
CA ILE A 30 5.95 9.56 -7.07
C ILE A 30 7.19 10.42 -6.85
N ALA A 31 8.19 9.82 -6.23
CA ALA A 31 9.43 10.52 -5.96
C ALA A 31 9.88 11.25 -7.21
N GLU A 32 10.02 10.49 -8.29
CA GLU A 32 10.45 11.06 -9.56
C GLU A 32 9.60 12.29 -9.90
N ALA A 33 8.29 12.12 -9.79
CA ALA A 33 7.37 13.20 -10.08
C ALA A 33 7.74 14.42 -9.24
N MET A 34 7.79 14.20 -7.94
CA MET A 34 8.14 15.28 -7.01
C MET A 34 9.54 15.80 -7.28
N ALA A 35 10.27 15.07 -8.10
CA ALA A 35 11.64 15.45 -8.45
C ALA A 35 11.59 16.36 -9.68
N LYS A 36 11.22 17.61 -9.45
CA LYS A 36 11.15 18.58 -10.53
C LYS A 36 11.27 20.00 -9.95
N GLY A 37 12.02 20.83 -10.66
CA GLY A 37 12.22 22.20 -10.23
C GLY A 37 12.45 22.27 -8.72
N ARG A 1 -12.87 -13.72 11.66
CA ARG A 1 -11.43 -13.81 11.86
C ARG A 1 -10.70 -13.75 10.52
N GLY A 2 -10.11 -12.60 10.26
CA GLY A 2 -9.37 -12.40 9.02
C GLY A 2 -7.99 -11.80 9.29
N LYS A 3 -8.01 -10.65 9.96
CA LYS A 3 -6.77 -9.96 10.29
C LYS A 3 -5.71 -10.99 10.71
N TRP A 4 -4.66 -11.07 9.92
CA TRP A 4 -3.58 -12.00 10.19
C TRP A 4 -2.37 -11.19 10.66
N THR A 5 -2.10 -11.28 11.96
CA THR A 5 -0.97 -10.57 12.53
C THR A 5 0.35 -11.15 12.05
N TYR A 6 1.30 -10.26 11.80
CA TYR A 6 2.61 -10.68 11.33
C TYR A 6 3.72 -10.19 12.27
N ASN A 7 4.01 -11.03 13.26
CA ASN A 7 5.04 -10.70 14.23
C ASN A 7 4.60 -9.47 15.03
N GLY A 8 3.38 -9.52 15.52
CA GLY A 8 2.83 -8.42 16.30
C GLY A 8 1.98 -7.50 15.43
N ILE A 9 2.62 -6.96 14.39
CA ILE A 9 1.93 -6.06 13.48
C ILE A 9 0.52 -6.58 13.22
N THR A 10 -0.44 -5.67 13.31
CA THR A 10 -1.83 -6.03 13.08
C THR A 10 -2.29 -5.54 11.70
N TYR A 11 -2.70 -6.50 10.88
CA TYR A 11 -3.16 -6.18 9.54
C TYR A 11 -4.69 -6.26 9.45
N GLU A 12 -5.32 -5.12 9.69
CA GLU A 12 -6.77 -5.05 9.64
C GLU A 12 -7.24 -4.68 8.23
N GLY A 13 -6.48 -5.15 7.25
CA GLY A 13 -6.80 -4.88 5.86
C GLY A 13 -6.55 -3.41 5.51
N GLY A 14 -7.45 -2.85 4.72
CA GLY A 14 -7.34 -1.46 4.31
C GLY A 14 -5.93 -1.16 3.80
N GLY A 15 -5.80 -1.17 2.48
CA GLY A 15 -4.52 -0.90 1.85
C GLY A 15 -4.23 -1.91 0.73
N GLY A 16 -4.74 -1.60 -0.45
CA GLY A 16 -4.55 -2.47 -1.60
C GLY A 16 -3.86 -1.72 -2.73
N GLY A 17 -2.63 -2.14 -3.00
CA GLY A 17 -1.84 -1.52 -4.05
C GLY A 17 -0.59 -2.33 -4.36
N GLY A 18 -0.81 -3.53 -4.89
CA GLY A 18 0.30 -4.42 -5.23
C GLY A 18 0.15 -4.96 -6.65
N GLY A 19 0.76 -6.11 -6.88
CA GLY A 19 0.70 -6.74 -8.19
C GLY A 19 1.98 -6.44 -8.99
N GLY A 20 1.77 -5.88 -10.17
CA GLY A 20 2.88 -5.54 -11.04
C GLY A 20 3.45 -4.16 -10.69
N SER A 21 2.62 -3.15 -10.87
CA SER A 21 3.02 -1.79 -10.58
C SER A 21 4.44 -1.55 -11.10
N ALA A 22 4.68 -1.97 -12.32
CA ALA A 22 5.98 -1.81 -12.94
C ALA A 22 6.23 -0.33 -13.23
N ALA A 23 6.92 0.31 -12.31
CA ALA A 23 7.23 1.73 -12.45
C ALA A 23 5.93 2.53 -12.38
N GLU A 24 4.94 1.95 -11.72
CA GLU A 24 3.65 2.60 -11.58
C GLU A 24 3.36 2.90 -10.11
N ALA A 25 3.65 1.90 -9.27
CA ALA A 25 3.42 2.04 -7.85
C ALA A 25 4.16 3.28 -7.33
N TYR A 26 5.25 3.60 -8.02
CA TYR A 26 6.05 4.76 -7.65
C TYR A 26 5.51 6.03 -8.30
N ALA A 27 5.13 5.91 -9.56
CA ALA A 27 4.60 7.03 -10.30
C ALA A 27 3.16 7.30 -9.85
N LYS A 28 2.66 6.40 -9.03
CA LYS A 28 1.30 6.52 -8.51
C LYS A 28 1.30 7.48 -7.31
N ARG A 29 2.30 7.28 -6.45
CA ARG A 29 2.42 8.11 -5.26
C ARG A 29 3.02 9.47 -5.63
N ILE A 30 4.01 9.43 -6.50
CA ILE A 30 4.68 10.65 -6.94
C ILE A 30 3.65 11.76 -7.08
N ALA A 31 2.47 11.39 -7.57
CA ALA A 31 1.39 12.34 -7.76
C ALA A 31 1.36 13.31 -6.57
N GLU A 32 1.24 12.74 -5.38
CA GLU A 32 1.19 13.54 -4.17
C GLU A 32 2.37 14.52 -4.14
N ALA A 33 3.55 13.98 -4.39
CA ALA A 33 4.75 14.79 -4.38
C ALA A 33 4.61 15.91 -5.41
N MET A 34 4.64 15.52 -6.68
CA MET A 34 4.51 16.48 -7.76
C MET A 34 3.25 17.35 -7.58
N ALA A 35 2.34 16.85 -6.76
CA ALA A 35 1.10 17.56 -6.50
C ALA A 35 1.37 18.69 -5.49
N LYS A 36 2.12 18.34 -4.45
CA LYS A 36 2.45 19.31 -3.42
C LYS A 36 1.24 20.19 -3.13
N GLY A 37 0.12 19.52 -2.87
CA GLY A 37 -1.12 20.22 -2.58
C GLY A 37 -1.88 19.54 -1.45
N ARG A 1 6.02 -11.15 5.63
CA ARG A 1 6.24 -12.34 6.44
C ARG A 1 6.10 -11.99 7.92
N GLY A 2 4.86 -12.01 8.39
CA GLY A 2 4.57 -11.71 9.77
C GLY A 2 3.22 -11.00 9.91
N LYS A 3 2.45 -11.46 10.89
CA LYS A 3 1.13 -10.88 11.13
C LYS A 3 1.21 -9.97 12.35
N TRP A 4 1.53 -8.70 12.08
CA TRP A 4 1.64 -7.72 13.15
C TRP A 4 0.25 -7.14 13.40
N THR A 5 -0.32 -7.48 14.55
CA THR A 5 -1.63 -7.00 14.92
C THR A 5 -1.64 -5.47 15.01
N TYR A 6 -2.80 -4.90 14.74
CA TYR A 6 -2.95 -3.45 14.79
C TYR A 6 -4.41 -3.05 14.55
N ASN A 7 -4.88 -2.13 15.38
CA ASN A 7 -6.25 -1.65 15.27
C ASN A 7 -7.20 -2.75 15.73
N GLY A 8 -6.84 -3.39 16.83
CA GLY A 8 -7.65 -4.46 17.37
C GLY A 8 -8.02 -5.48 16.29
N ILE A 9 -7.05 -5.75 15.43
CA ILE A 9 -7.26 -6.70 14.34
C ILE A 9 -5.90 -7.13 13.79
N THR A 10 -5.83 -8.39 13.38
CA THR A 10 -4.60 -8.94 12.83
C THR A 10 -4.64 -8.89 11.30
N TYR A 11 -3.46 -8.99 10.70
CA TYR A 11 -3.35 -8.97 9.26
C TYR A 11 -2.93 -10.33 8.71
N GLU A 12 -3.89 -11.00 8.07
CA GLU A 12 -3.63 -12.31 7.50
C GLU A 12 -2.83 -12.18 6.20
N GLY A 13 -2.83 -10.97 5.67
CA GLY A 13 -2.12 -10.70 4.42
C GLY A 13 -2.67 -9.45 3.73
N GLY A 14 -2.30 -8.29 4.29
CA GLY A 14 -2.75 -7.03 3.74
C GLY A 14 -2.03 -6.72 2.43
N GLY A 15 -2.73 -5.99 1.57
CA GLY A 15 -2.17 -5.61 0.28
C GLY A 15 -3.14 -5.96 -0.86
N GLY A 16 -4.30 -5.32 -0.83
CA GLY A 16 -5.31 -5.55 -1.84
C GLY A 16 -5.97 -4.24 -2.28
N GLY A 17 -5.15 -3.38 -2.86
CA GLY A 17 -5.63 -2.09 -3.33
C GLY A 17 -5.64 -2.01 -4.85
N GLY A 18 -6.56 -2.76 -5.45
CA GLY A 18 -6.68 -2.79 -6.89
C GLY A 18 -5.73 -3.83 -7.49
N GLY A 19 -6.28 -4.63 -8.40
CA GLY A 19 -5.49 -5.66 -9.05
C GLY A 19 -4.81 -5.13 -10.31
N GLY A 20 -5.64 -4.61 -11.22
CA GLY A 20 -5.14 -4.06 -12.46
C GLY A 20 -3.86 -3.26 -12.23
N SER A 21 -4.03 -2.08 -11.66
CA SER A 21 -2.90 -1.22 -11.38
C SER A 21 -2.17 -0.88 -12.67
N ALA A 22 -2.96 -0.57 -13.70
CA ALA A 22 -2.40 -0.23 -15.00
C ALA A 22 -1.38 0.90 -14.82
N ALA A 23 -1.90 2.10 -14.64
CA ALA A 23 -1.05 3.26 -14.46
C ALA A 23 -1.57 4.11 -13.29
N GLU A 24 -2.14 3.42 -12.32
CA GLU A 24 -2.69 4.09 -11.15
C GLU A 24 -1.72 3.96 -9.97
N ALA A 25 -0.90 2.93 -10.02
CA ALA A 25 0.06 2.69 -8.96
C ALA A 25 1.28 3.59 -9.18
N TYR A 26 1.48 3.98 -10.43
CA TYR A 26 2.60 4.84 -10.78
C TYR A 26 2.25 6.31 -10.53
N ALA A 27 1.01 6.65 -10.83
CA ALA A 27 0.54 8.01 -10.64
C ALA A 27 0.51 8.33 -9.15
N LYS A 28 -0.38 7.66 -8.44
CA LYS A 28 -0.52 7.86 -7.01
C LYS A 28 0.87 8.02 -6.39
N ARG A 29 1.78 7.17 -6.83
CA ARG A 29 3.14 7.21 -6.33
C ARG A 29 3.83 8.51 -6.74
N ILE A 30 3.76 8.80 -8.03
CA ILE A 30 4.37 10.00 -8.57
C ILE A 30 4.18 11.15 -7.57
N ALA A 31 2.92 11.40 -7.24
CA ALA A 31 2.59 12.46 -6.29
C ALA A 31 3.57 12.42 -5.12
N GLU A 32 3.69 11.24 -4.54
CA GLU A 32 4.58 11.04 -3.40
C GLU A 32 5.97 11.58 -3.73
N ALA A 33 6.51 11.09 -4.84
CA ALA A 33 7.84 11.51 -5.28
C ALA A 33 7.89 13.04 -5.33
N MET A 34 6.92 13.60 -6.05
CA MET A 34 6.84 15.05 -6.19
C MET A 34 6.65 15.72 -4.84
N ALA A 35 6.33 14.91 -3.84
CA ALA A 35 6.11 15.41 -2.49
C ALA A 35 7.31 15.05 -1.62
N LYS A 36 8.42 15.71 -1.90
CA LYS A 36 9.65 15.47 -1.16
C LYS A 36 9.50 16.05 0.25
N GLY A 37 10.15 15.40 1.21
CA GLY A 37 10.11 15.84 2.58
C GLY A 37 10.78 17.20 2.75
N ARG A 1 2.40 -16.32 11.75
CA ARG A 1 3.24 -15.19 12.12
C ARG A 1 2.76 -13.92 11.44
N GLY A 2 2.70 -13.97 10.12
CA GLY A 2 2.25 -12.82 9.33
C GLY A 2 0.91 -12.32 9.83
N LYS A 3 -0.15 -12.89 9.28
CA LYS A 3 -1.51 -12.50 9.66
C LYS A 3 -1.58 -12.38 11.18
N TRP A 4 -1.75 -11.14 11.63
CA TRP A 4 -1.83 -10.87 13.06
C TRP A 4 -3.31 -10.98 13.46
N THR A 5 -3.74 -12.21 13.67
CA THR A 5 -5.12 -12.47 14.07
C THR A 5 -5.23 -12.53 15.58
N TYR A 6 -6.30 -11.92 16.09
CA TYR A 6 -6.54 -11.89 17.52
C TYR A 6 -7.72 -12.79 17.90
N ASN A 7 -8.89 -12.42 17.39
CA ASN A 7 -10.10 -13.17 17.67
C ASN A 7 -10.84 -13.44 16.36
N GLY A 8 -10.21 -14.23 15.51
CA GLY A 8 -10.79 -14.58 14.22
C GLY A 8 -10.61 -13.43 13.22
N ILE A 9 -11.02 -12.25 13.63
CA ILE A 9 -10.91 -11.08 12.79
C ILE A 9 -9.43 -10.81 12.49
N THR A 10 -9.18 -10.38 11.26
CA THR A 10 -7.81 -10.08 10.85
C THR A 10 -7.59 -8.57 10.79
N TYR A 11 -6.35 -8.18 10.99
CA TYR A 11 -5.99 -6.77 10.96
C TYR A 11 -5.28 -6.42 9.65
N GLU A 12 -5.66 -7.12 8.60
CA GLU A 12 -5.07 -6.89 7.29
C GLU A 12 -4.94 -5.39 7.02
N GLY A 13 -3.91 -5.05 6.26
CA GLY A 13 -3.66 -3.65 5.93
C GLY A 13 -2.60 -3.05 6.83
N GLY A 14 -1.38 -2.99 6.31
CA GLY A 14 -0.26 -2.44 7.06
C GLY A 14 0.74 -3.54 7.42
N GLY A 15 1.55 -3.25 8.44
CA GLY A 15 2.56 -4.19 8.89
C GLY A 15 3.94 -3.54 8.94
N GLY A 16 4.69 -3.75 7.86
CA GLY A 16 6.02 -3.18 7.76
C GLY A 16 5.98 -1.68 7.45
N GLY A 17 7.03 -1.20 6.82
CA GLY A 17 7.12 0.20 6.46
C GLY A 17 5.76 0.75 6.03
N GLY A 18 5.24 1.68 6.82
CA GLY A 18 3.96 2.27 6.53
C GLY A 18 4.12 3.53 5.67
N GLY A 19 3.03 3.91 5.01
CA GLY A 19 3.04 5.08 4.15
C GLY A 19 1.64 5.39 3.63
N GLY A 20 1.15 4.50 2.78
CA GLY A 20 -0.17 4.66 2.20
C GLY A 20 -0.09 4.83 0.68
N SER A 21 0.64 3.93 0.06
CA SER A 21 0.81 3.97 -1.39
C SER A 21 -0.51 3.63 -2.07
N ALA A 22 -1.44 4.58 -2.01
CA ALA A 22 -2.74 4.40 -2.62
C ALA A 22 -2.76 5.08 -3.98
N ALA A 23 -2.75 4.25 -5.03
CA ALA A 23 -2.77 4.76 -6.39
C ALA A 23 -1.38 5.31 -6.73
N GLU A 24 -0.38 4.78 -6.05
CA GLU A 24 0.99 5.21 -6.27
C GLU A 24 1.50 4.68 -7.62
N ALA A 25 0.91 3.56 -8.03
CA ALA A 25 1.30 2.94 -9.29
C ALA A 25 1.26 3.99 -10.40
N TYR A 26 0.16 4.74 -10.42
CA TYR A 26 -0.02 5.78 -11.42
C TYR A 26 0.72 7.06 -11.01
N ALA A 27 0.56 7.42 -9.75
CA ALA A 27 1.20 8.61 -9.22
C ALA A 27 2.72 8.47 -9.34
N LYS A 28 3.15 7.24 -9.58
CA LYS A 28 4.56 6.95 -9.71
C LYS A 28 5.12 7.69 -10.94
N ARG A 29 4.47 7.45 -12.07
CA ARG A 29 4.89 8.08 -13.31
C ARG A 29 4.62 9.59 -13.26
N ILE A 30 3.45 9.93 -12.74
CA ILE A 30 3.06 11.32 -12.62
C ILE A 30 4.28 12.17 -12.24
N ALA A 31 4.93 11.76 -11.16
CA ALA A 31 6.11 12.47 -10.70
C ALA A 31 7.04 12.74 -11.88
N GLU A 32 7.36 11.67 -12.59
CA GLU A 32 8.25 11.77 -13.75
C GLU A 32 7.84 12.98 -14.61
N ALA A 33 6.57 12.98 -14.98
CA ALA A 33 6.04 14.07 -15.81
C ALA A 33 6.29 15.40 -15.11
N MET A 34 5.86 15.46 -13.86
CA MET A 34 6.02 16.67 -13.07
C MET A 34 7.51 17.00 -12.88
N ALA A 35 8.35 16.04 -13.23
CA ALA A 35 9.79 16.23 -13.10
C ALA A 35 10.35 16.68 -14.45
N LYS A 36 11.32 17.59 -14.38
CA LYS A 36 11.95 18.10 -15.57
C LYS A 36 12.17 16.96 -16.57
N GLY A 37 12.99 16.01 -16.16
CA GLY A 37 13.29 14.86 -17.00
C GLY A 37 12.07 13.95 -17.14
N ARG A 1 -4.52 -15.86 10.07
CA ARG A 1 -5.36 -15.27 9.04
C ARG A 1 -6.03 -14.00 9.56
N GLY A 2 -6.49 -13.19 8.63
CA GLY A 2 -7.16 -11.95 8.98
C GLY A 2 -6.48 -10.74 8.32
N LYS A 3 -6.43 -9.66 9.06
CA LYS A 3 -5.81 -8.44 8.56
C LYS A 3 -4.49 -8.20 9.30
N TRP A 4 -3.40 -8.48 8.61
CA TRP A 4 -2.08 -8.30 9.18
C TRP A 4 -1.51 -6.98 8.65
N THR A 5 -1.67 -5.94 9.46
CA THR A 5 -1.19 -4.62 9.08
C THR A 5 0.34 -4.65 8.92
N TYR A 6 0.80 -3.95 7.90
CA TYR A 6 2.23 -3.88 7.63
C TYR A 6 2.70 -2.42 7.49
N ASN A 7 3.28 -1.92 8.57
CA ASN A 7 3.77 -0.56 8.57
C ASN A 7 2.61 0.41 8.35
N GLY A 8 1.55 0.19 9.13
CA GLY A 8 0.36 1.02 9.02
C GLY A 8 -0.62 0.46 8.00
N ILE A 9 -0.13 0.26 6.79
CA ILE A 9 -0.95 -0.29 5.72
C ILE A 9 -1.86 -1.37 6.29
N THR A 10 -3.14 -1.27 5.94
CA THR A 10 -4.12 -2.23 6.41
C THR A 10 -4.48 -3.22 5.28
N TYR A 11 -4.21 -4.48 5.54
CA TYR A 11 -4.49 -5.53 4.57
C TYR A 11 -5.72 -6.34 4.98
N GLU A 12 -6.73 -6.30 4.13
CA GLU A 12 -7.97 -7.02 4.38
C GLU A 12 -7.74 -8.52 4.22
N GLY A 13 -8.66 -9.28 4.80
CA GLY A 13 -8.57 -10.73 4.72
C GLY A 13 -9.08 -11.25 3.37
N GLY A 14 -8.23 -12.00 2.70
CA GLY A 14 -8.57 -12.55 1.40
C GLY A 14 -7.65 -13.73 1.05
N GLY A 15 -6.70 -13.45 0.19
CA GLY A 15 -5.76 -14.47 -0.25
C GLY A 15 -5.80 -14.65 -1.77
N GLY A 16 -4.73 -15.23 -2.30
CA GLY A 16 -4.63 -15.47 -3.72
C GLY A 16 -3.85 -14.35 -4.42
N GLY A 17 -4.48 -13.79 -5.45
CA GLY A 17 -3.86 -12.71 -6.20
C GLY A 17 -3.47 -11.55 -5.28
N GLY A 18 -3.06 -10.46 -5.91
CA GLY A 18 -2.67 -9.27 -5.15
C GLY A 18 -1.20 -8.91 -5.43
N GLY A 19 -0.94 -8.54 -6.67
CA GLY A 19 0.40 -8.16 -7.07
C GLY A 19 0.38 -7.30 -8.34
N GLY A 20 1.23 -6.28 -8.34
CA GLY A 20 1.31 -5.38 -9.48
C GLY A 20 1.77 -3.99 -9.04
N SER A 21 1.19 -2.99 -9.69
CA SER A 21 1.54 -1.61 -9.37
C SER A 21 0.47 -1.00 -8.46
N ALA A 22 -0.13 -1.85 -7.65
CA ALA A 22 -1.16 -1.42 -6.73
C ALA A 22 -0.52 -1.03 -5.41
N ALA A 23 -0.44 0.28 -5.19
CA ALA A 23 0.14 0.79 -3.96
C ALA A 23 1.65 0.51 -3.96
N GLU A 24 2.20 0.36 -5.16
CA GLU A 24 3.61 0.08 -5.31
C GLU A 24 4.27 1.13 -6.21
N ALA A 25 3.53 1.51 -7.25
CA ALA A 25 4.03 2.50 -8.19
C ALA A 25 3.42 3.87 -7.86
N TYR A 26 2.26 3.81 -7.22
CA TYR A 26 1.56 5.03 -6.84
C TYR A 26 1.85 5.40 -5.38
N ALA A 27 1.53 4.47 -4.49
CA ALA A 27 1.74 4.68 -3.07
C ALA A 27 3.18 5.14 -2.84
N LYS A 28 4.03 4.83 -3.82
CA LYS A 28 5.43 5.21 -3.74
C LYS A 28 5.57 6.71 -4.01
N ARG A 29 4.87 7.16 -5.04
CA ARG A 29 4.91 8.55 -5.42
C ARG A 29 4.29 9.42 -4.32
N ILE A 30 3.14 8.98 -3.84
CA ILE A 30 2.43 9.70 -2.79
C ILE A 30 3.44 10.28 -1.81
N ALA A 31 4.22 9.39 -1.21
CA ALA A 31 5.23 9.80 -0.25
C ALA A 31 5.92 11.07 -0.76
N GLU A 32 6.43 10.98 -1.98
CA GLU A 32 7.12 12.10 -2.58
C GLU A 32 6.30 13.38 -2.41
N ALA A 33 5.08 13.34 -2.88
CA ALA A 33 4.18 14.48 -2.79
C ALA A 33 4.11 14.93 -1.33
N MET A 34 3.79 13.99 -0.46
CA MET A 34 3.68 14.28 0.96
C MET A 34 5.04 14.67 1.54
N ALA A 35 6.08 14.43 0.75
CA ALA A 35 7.43 14.75 1.18
C ALA A 35 7.82 16.12 0.62
N LYS A 36 7.80 17.10 1.51
CA LYS A 36 8.16 18.46 1.13
C LYS A 36 9.68 18.59 1.05
N GLY A 37 10.15 19.12 -0.07
CA GLY A 37 11.57 19.30 -0.29
C GLY A 37 12.03 18.56 -1.54
N ARG A 1 4.75 -7.44 12.62
CA ARG A 1 5.74 -6.86 11.74
C ARG A 1 5.66 -7.51 10.35
N GLY A 2 5.91 -6.71 9.34
CA GLY A 2 5.87 -7.19 7.97
C GLY A 2 4.46 -7.10 7.39
N LYS A 3 3.62 -8.05 7.78
CA LYS A 3 2.25 -8.07 7.31
C LYS A 3 1.46 -6.95 7.98
N TRP A 4 0.51 -6.40 7.23
CA TRP A 4 -0.31 -5.32 7.73
C TRP A 4 -1.10 -5.85 8.93
N THR A 5 -0.74 -5.36 10.11
CA THR A 5 -1.40 -5.77 11.33
C THR A 5 -1.95 -4.55 12.08
N TYR A 6 -3.28 -4.49 12.13
CA TYR A 6 -3.94 -3.39 12.81
C TYR A 6 -5.42 -3.71 13.07
N ASN A 7 -5.82 -3.60 14.32
CA ASN A 7 -7.19 -3.88 14.70
C ASN A 7 -7.42 -5.39 14.69
N GLY A 8 -6.33 -6.13 14.87
CA GLY A 8 -6.41 -7.58 14.88
C GLY A 8 -6.89 -8.12 13.54
N ILE A 9 -6.39 -7.50 12.48
CA ILE A 9 -6.77 -7.91 11.14
C ILE A 9 -5.50 -8.12 10.31
N THR A 10 -5.70 -8.60 9.09
CA THR A 10 -4.59 -8.85 8.19
C THR A 10 -4.94 -8.39 6.77
N TYR A 11 -3.96 -7.76 6.13
CA TYR A 11 -4.14 -7.26 4.78
C TYR A 11 -3.07 -7.82 3.84
N GLU A 12 -3.38 -8.95 3.23
CA GLU A 12 -2.46 -9.60 2.31
C GLU A 12 -2.29 -8.74 1.05
N GLY A 13 -1.05 -8.34 0.82
CA GLY A 13 -0.74 -7.52 -0.34
C GLY A 13 -1.56 -7.96 -1.56
N GLY A 14 -1.03 -8.97 -2.25
CA GLY A 14 -1.69 -9.51 -3.42
C GLY A 14 -2.68 -10.61 -3.04
N GLY A 15 -3.88 -10.18 -2.68
CA GLY A 15 -4.92 -11.12 -2.30
C GLY A 15 -6.27 -10.72 -2.89
N GLY A 16 -7.26 -10.62 -2.02
CA GLY A 16 -8.61 -10.25 -2.44
C GLY A 16 -9.11 -9.04 -1.64
N GLY A 17 -10.12 -8.39 -2.20
CA GLY A 17 -10.71 -7.23 -1.55
C GLY A 17 -10.78 -6.04 -2.51
N GLY A 18 -11.75 -5.18 -2.28
CA GLY A 18 -11.92 -4.01 -3.11
C GLY A 18 -10.75 -3.04 -2.96
N GLY A 19 -10.29 -2.53 -4.09
CA GLY A 19 -9.17 -1.60 -4.10
C GLY A 19 -7.84 -2.35 -4.24
N GLY A 20 -7.66 -2.96 -5.40
CA GLY A 20 -6.45 -3.70 -5.68
C GLY A 20 -5.31 -2.76 -6.12
N SER A 21 -4.45 -3.28 -6.97
CA SER A 21 -3.33 -2.51 -7.47
C SER A 21 -3.74 -1.75 -8.73
N ALA A 22 -4.93 -1.16 -8.67
CA ALA A 22 -5.45 -0.41 -9.80
C ALA A 22 -4.97 1.04 -9.70
N ALA A 23 -3.72 1.25 -10.09
CA ALA A 23 -3.14 2.57 -10.05
C ALA A 23 -2.80 2.94 -8.59
N GLU A 24 -2.59 1.90 -7.80
CA GLU A 24 -2.26 2.09 -6.40
C GLU A 24 -0.77 2.36 -6.24
N ALA A 25 -0.01 1.90 -7.21
CA ALA A 25 1.43 2.08 -7.19
C ALA A 25 1.76 3.55 -7.47
N TYR A 26 1.48 3.97 -8.71
CA TYR A 26 1.74 5.33 -9.11
C TYR A 26 1.49 6.31 -7.96
N ALA A 27 0.51 5.95 -7.13
CA ALA A 27 0.16 6.78 -5.98
C ALA A 27 1.34 6.81 -5.01
N LYS A 28 1.51 5.70 -4.30
CA LYS A 28 2.59 5.59 -3.33
C LYS A 28 3.84 6.30 -3.88
N ARG A 29 4.07 6.10 -5.17
CA ARG A 29 5.22 6.72 -5.82
C ARG A 29 5.07 8.24 -5.84
N ILE A 30 3.91 8.68 -6.28
CA ILE A 30 3.63 10.11 -6.35
C ILE A 30 4.22 10.80 -5.12
N ALA A 31 3.74 10.38 -3.96
CA ALA A 31 4.22 10.95 -2.71
C ALA A 31 5.73 11.17 -2.79
N GLU A 32 6.43 10.08 -3.09
CA GLU A 32 7.89 10.14 -3.20
C GLU A 32 8.30 11.31 -4.08
N ALA A 33 7.74 11.35 -5.28
CA ALA A 33 8.05 12.41 -6.23
C ALA A 33 7.84 13.77 -5.54
N MET A 34 6.66 13.93 -4.96
CA MET A 34 6.33 15.16 -4.27
C MET A 34 7.28 15.42 -3.11
N ALA A 35 8.04 14.39 -2.76
CA ALA A 35 9.00 14.49 -1.68
C ALA A 35 10.35 14.93 -2.24
N LYS A 36 10.93 14.07 -3.06
CA LYS A 36 12.22 14.35 -3.66
C LYS A 36 12.13 15.66 -4.45
N GLY A 37 11.25 15.65 -5.45
CA GLY A 37 11.05 16.82 -6.29
C GLY A 37 10.77 18.07 -5.44
N ARG A 1 -6.16 -19.20 7.96
CA ARG A 1 -4.79 -18.69 7.85
C ARG A 1 -4.55 -18.18 6.43
N GLY A 2 -4.02 -16.96 6.36
CA GLY A 2 -3.72 -16.34 5.09
C GLY A 2 -3.90 -14.82 5.16
N LYS A 3 -3.15 -14.21 6.06
CA LYS A 3 -3.20 -12.77 6.25
C LYS A 3 -1.83 -12.17 5.92
N TRP A 4 -1.73 -10.86 6.14
CA TRP A 4 -0.49 -10.15 5.87
C TRP A 4 -0.49 -8.87 6.71
N THR A 5 0.35 -8.87 7.73
CA THR A 5 0.45 -7.72 8.60
C THR A 5 1.54 -6.76 8.10
N TYR A 6 1.28 -5.47 8.30
CA TYR A 6 2.22 -4.45 7.87
C TYR A 6 2.60 -3.53 9.03
N ASN A 7 1.57 -3.03 9.70
CA ASN A 7 1.78 -2.14 10.82
C ASN A 7 1.47 -2.88 12.12
N GLY A 8 0.55 -3.84 12.02
CA GLY A 8 0.16 -4.62 13.17
C GLY A 8 -1.21 -5.27 12.95
N ILE A 9 -2.06 -4.56 12.22
CA ILE A 9 -3.39 -5.06 11.93
C ILE A 9 -3.29 -6.37 11.14
N THR A 10 -4.40 -7.08 11.09
CA THR A 10 -4.45 -8.35 10.38
C THR A 10 -4.34 -8.11 8.87
N TYR A 11 -5.22 -7.25 8.38
CA TYR A 11 -5.24 -6.94 6.96
C TYR A 11 -5.38 -8.22 6.12
N GLU A 12 -6.09 -9.18 6.68
CA GLU A 12 -6.31 -10.44 5.99
C GLU A 12 -6.74 -10.19 4.55
N GLY A 13 -7.31 -9.01 4.32
CA GLY A 13 -7.77 -8.64 2.99
C GLY A 13 -9.21 -9.10 2.76
N GLY A 14 -10.01 -8.19 2.22
CA GLY A 14 -11.41 -8.49 1.94
C GLY A 14 -12.07 -7.33 1.19
N GLY A 15 -12.88 -7.70 0.21
CA GLY A 15 -13.59 -6.70 -0.58
C GLY A 15 -12.94 -6.54 -1.95
N GLY A 16 -13.44 -7.33 -2.90
CA GLY A 16 -12.92 -7.28 -4.26
C GLY A 16 -11.60 -8.05 -4.36
N GLY A 17 -10.51 -7.32 -4.18
CA GLY A 17 -9.19 -7.92 -4.25
C GLY A 17 -8.15 -6.90 -4.73
N GLY A 18 -6.91 -7.13 -4.34
CA GLY A 18 -5.83 -6.24 -4.72
C GLY A 18 -4.49 -6.74 -4.17
N GLY A 19 -3.52 -6.86 -5.06
CA GLY A 19 -2.19 -7.32 -4.68
C GLY A 19 -1.75 -6.67 -3.37
N GLY A 20 -1.69 -5.35 -3.38
CA GLY A 20 -1.28 -4.60 -2.21
C GLY A 20 -1.30 -3.10 -2.47
N SER A 21 -0.39 -2.67 -3.35
CA SER A 21 -0.28 -1.27 -3.69
C SER A 21 -0.85 -1.04 -5.10
N ALA A 22 -2.14 -0.71 -5.13
CA ALA A 22 -2.81 -0.47 -6.40
C ALA A 22 -2.40 0.90 -6.93
N ALA A 23 -1.27 0.91 -7.62
CA ALA A 23 -0.75 2.14 -8.18
C ALA A 23 -0.25 3.05 -7.06
N GLU A 24 0.11 2.42 -5.95
CA GLU A 24 0.61 3.16 -4.81
C GLU A 24 2.13 3.03 -4.70
N ALA A 25 2.64 1.96 -5.29
CA ALA A 25 4.07 1.71 -5.28
C ALA A 25 4.79 2.82 -6.05
N TYR A 26 4.09 3.36 -7.04
CA TYR A 26 4.64 4.42 -7.85
C TYR A 26 4.42 5.79 -7.20
N ALA A 27 3.22 5.98 -6.70
CA ALA A 27 2.87 7.24 -6.04
C ALA A 27 3.63 7.34 -4.72
N LYS A 28 4.26 6.23 -4.34
CA LYS A 28 5.03 6.18 -3.11
C LYS A 28 6.20 7.15 -3.21
N ARG A 29 6.68 7.34 -4.44
CA ARG A 29 7.80 8.23 -4.68
C ARG A 29 7.30 9.63 -5.05
N ILE A 30 6.41 9.66 -6.03
CA ILE A 30 5.85 10.91 -6.49
C ILE A 30 5.57 11.82 -5.29
N ALA A 31 5.25 11.19 -4.17
CA ALA A 31 4.96 11.92 -2.94
C ALA A 31 6.07 12.94 -2.72
N GLU A 32 7.31 12.45 -2.73
CA GLU A 32 8.46 13.32 -2.53
C GLU A 32 8.37 14.55 -3.42
N ALA A 33 8.11 14.30 -4.69
CA ALA A 33 7.99 15.38 -5.66
C ALA A 33 7.02 16.44 -5.12
N MET A 34 5.79 16.01 -4.93
CA MET A 34 4.77 16.92 -4.42
C MET A 34 4.85 17.06 -2.91
N ALA A 35 6.02 17.50 -2.45
CA ALA A 35 6.25 17.68 -1.03
C ALA A 35 6.39 19.17 -0.73
N LYS A 36 5.28 19.87 -0.90
CA LYS A 36 5.25 21.31 -0.65
C LYS A 36 3.85 21.72 -0.22
N GLY A 37 3.73 23.00 0.13
CA GLY A 37 2.44 23.53 0.55
C GLY A 37 1.73 24.24 -0.61
#